data_7EHE
#
_entry.id   7EHE
#
_cell.length_a   79.100
_cell.length_b   88.530
_cell.length_c   188.130
_cell.angle_alpha   90.000
_cell.angle_beta   90.000
_cell.angle_gamma   90.000
#
_symmetry.space_group_name_H-M   'P 21 21 21'
#
loop_
_entity.id
_entity.type
_entity.pdbx_description
1 polymer 'Acetolactate synthase'
2 non-polymer 'MAGNESIUM ION'
3 non-polymer 'FLAVIN-ADENINE DINUCLEOTIDE'
4 non-polymer '2-{3-[(4-AMINO-2-METHYLPYRIMIDIN-5-YL)METHYL]-4-METHYL-2-OXO-2,3-DIHYDRO-1,3-THIAZOL-5-YL}ETHYL TRIHYDROGEN DIPHOSPHATE'
5 water water
#
_entity_poly.entity_id   1
_entity_poly.type   'polypeptide(L)'
_entity_poly.pdbx_seq_one_letter_code
;MHHHHHHSSGLVPRGSGMKETAAAKFERQHMDSPDLGTDDDDKAMADIGSMRPVPSPAFNTADNDRSHVQPLVNPQRPDM
DESFIGKSGGEIFHEMMLRQGVKHIFGYPGGAILPVFDAIYNSKHFDFILPRHEQGAGHMAEGYARASGKPGVVVVTSGP
GATNVITPMQDALSDGTPMVVFCGQVPTAAIGSDAFQEADVVGISRACTKWNVMVKSVAELPRRINEAFEIATSGRPGPV
LVDLPKDVTAGILRRAIPTDTALPTLPSAATRAAKELSTQQLNASIKRAADLINMGKKPVIYAGQGVIQSEGGPELLKEL
ADKASIPVTTTLHGLGAFDELDEKSLHMLGMHGAAYANMAMQQADVIIALGSRFDDRVTGVVSKFAPAARQAAAEGRGGI
IHFEIMPKNINKVVQATEAVEGDVGANMKLLIPQVKAKTMEDRKEWFDAIKGWKKKYPLSHYQRAERTGLIKPQTVMEEI
SNLTADRKDKTYIATGVGQHQMWVAQHFRWRHPRSMITSGGLGTMGYGLPAAIGAKVAQPDALVIDVDGDASFNMTLTEL
STAAQFNIGVKVVVLNNEEQGMVTQWQNLFYEDRYSHTHQRNPDFMKLADAMGIQHQRVAEPDKLVDALKWLINTDGPAL
LEVVTDKKVPVLPMVPAGSALHEFLVFDPEKDKQRRELMKERTKGVHS
;
_entity_poly.pdbx_strand_id   A,B
#
# COMPACT_ATOMS: atom_id res chain seq x y z
N MET A 80 -18.60 -32.66 19.02
CA MET A 80 -19.24 -31.38 19.36
C MET A 80 -18.45 -30.57 20.40
N ASP A 81 -18.22 -29.29 20.09
CA ASP A 81 -17.36 -28.43 20.91
C ASP A 81 -18.21 -27.38 21.63
N GLU A 82 -18.20 -27.42 22.96
CA GLU A 82 -18.94 -26.51 23.81
C GLU A 82 -18.06 -25.45 24.45
N SER A 83 -16.73 -25.54 24.26
CA SER A 83 -15.81 -24.66 24.97
C SER A 83 -16.05 -23.18 24.67
N PHE A 84 -16.67 -22.86 23.54
CA PHE A 84 -16.85 -21.48 23.12
C PHE A 84 -18.16 -20.85 23.61
N ILE A 85 -19.02 -21.57 24.34
CA ILE A 85 -20.30 -20.99 24.73
C ILE A 85 -20.03 -19.81 25.64
N GLY A 86 -20.71 -18.69 25.37
CA GLY A 86 -20.48 -17.46 26.09
C GLY A 86 -19.33 -16.61 25.61
N LYS A 87 -18.54 -17.08 24.64
CA LYS A 87 -17.40 -16.33 24.12
C LYS A 87 -17.83 -15.38 23.00
N SER A 88 -17.24 -14.19 22.98
CA SER A 88 -17.39 -13.32 21.82
C SER A 88 -16.62 -13.92 20.64
N GLY A 89 -16.98 -13.47 19.43
CA GLY A 89 -16.20 -13.85 18.26
C GLY A 89 -14.73 -13.52 18.43
N GLY A 90 -14.44 -12.35 19.02
CA GLY A 90 -13.05 -12.00 19.30
C GLY A 90 -12.35 -13.01 20.18
N GLU A 91 -13.02 -13.47 21.23
CA GLU A 91 -12.36 -14.41 22.14
C GLU A 91 -12.22 -15.78 21.51
N ILE A 92 -13.14 -16.12 20.61
CA ILE A 92 -13.00 -17.34 19.83
C ILE A 92 -11.77 -17.24 18.94
N PHE A 93 -11.63 -16.10 18.23
CA PHE A 93 -10.44 -15.84 17.43
C PHE A 93 -9.17 -16.01 18.27
N HIS A 94 -9.14 -15.39 19.45
CA HIS A 94 -7.99 -15.51 20.33
C HIS A 94 -7.66 -16.96 20.62
N GLU A 95 -8.67 -17.76 20.94
CA GLU A 95 -8.43 -19.17 21.25
C GLU A 95 -7.97 -19.93 20.01
N MET A 96 -8.49 -19.58 18.82
CA MET A 96 -8.06 -20.25 17.61
C MET A 96 -6.58 -20.02 17.31
N MET A 97 -6.06 -18.82 17.64
CA MET A 97 -4.63 -18.58 17.51
C MET A 97 -3.84 -19.52 18.40
N LEU A 98 -4.33 -19.73 19.62
CA LEU A 98 -3.64 -20.66 20.52
C LEU A 98 -3.64 -22.07 19.94
N ARG A 99 -4.80 -22.54 19.46
CA ARG A 99 -4.88 -23.87 18.88
C ARG A 99 -4.06 -23.98 17.61
N GLN A 100 -3.91 -22.89 16.86
CA GLN A 100 -3.08 -22.94 15.68
C GLN A 100 -1.60 -22.80 16.02
N GLY A 101 -1.26 -22.57 17.28
CA GLY A 101 0.13 -22.36 17.63
C GLY A 101 0.73 -21.08 17.10
N VAL A 102 -0.09 -20.08 16.75
CA VAL A 102 0.44 -18.78 16.34
C VAL A 102 1.19 -18.17 17.50
N LYS A 103 2.44 -17.75 17.26
CA LYS A 103 3.26 -17.13 18.28
C LYS A 103 3.46 -15.62 18.09
N HIS A 104 3.18 -15.08 16.92
CA HIS A 104 3.39 -13.67 16.65
C HIS A 104 2.35 -13.20 15.66
N ILE A 105 1.87 -11.98 15.84
CA ILE A 105 0.87 -11.40 14.97
C ILE A 105 1.28 -9.97 14.68
N PHE A 106 1.11 -9.55 13.44
CA PHE A 106 1.47 -8.22 12.98
C PHE A 106 0.18 -7.54 12.59
N GLY A 107 -0.10 -6.39 13.15
CA GLY A 107 -1.33 -5.74 12.76
C GLY A 107 -1.45 -4.36 13.33
N TYR A 108 -2.64 -3.79 13.15
CA TYR A 108 -2.90 -2.39 13.42
C TYR A 108 -4.40 -2.21 13.59
N PRO A 109 -4.86 -1.62 14.68
CA PRO A 109 -6.29 -1.62 14.99
C PRO A 109 -7.05 -0.56 14.22
N GLY A 110 -8.36 -0.60 14.43
CA GLY A 110 -9.33 0.24 13.76
C GLY A 110 -10.68 -0.17 14.28
N GLY A 111 -11.73 0.48 13.75
CA GLY A 111 -13.03 0.35 14.36
C GLY A 111 -13.68 -1.00 14.12
N ALA A 112 -13.69 -1.43 12.85
CA ALA A 112 -14.34 -2.69 12.51
C ALA A 112 -13.74 -3.89 13.23
N ILE A 113 -12.49 -3.77 13.69
CA ILE A 113 -11.72 -4.90 14.21
C ILE A 113 -11.50 -4.76 15.71
N LEU A 114 -12.03 -3.71 16.32
CA LEU A 114 -11.88 -3.49 17.76
C LEU A 114 -12.30 -4.67 18.64
N PRO A 115 -13.35 -5.44 18.33
CA PRO A 115 -13.64 -6.60 19.20
C PRO A 115 -12.52 -7.62 19.19
N VAL A 116 -11.82 -7.81 18.08
CA VAL A 116 -10.68 -8.72 18.14
C VAL A 116 -9.57 -8.14 19.00
N PHE A 117 -9.33 -6.83 18.88
CA PHE A 117 -8.28 -6.25 19.70
C PHE A 117 -8.63 -6.29 21.18
N ASP A 118 -9.91 -6.07 21.53
CA ASP A 118 -10.25 -6.21 22.94
C ASP A 118 -9.94 -7.61 23.42
N ALA A 119 -10.22 -8.61 22.58
CA ALA A 119 -10.05 -9.99 23.03
C ALA A 119 -8.58 -10.40 23.16
N ILE A 120 -7.65 -9.76 22.45
CA ILE A 120 -6.24 -10.13 22.56
C ILE A 120 -5.45 -9.19 23.47
N TYR A 121 -6.10 -8.15 23.97
CA TYR A 121 -5.51 -7.23 24.94
C TYR A 121 -4.64 -7.97 25.95
N ASN A 122 -3.34 -7.61 25.98
CA ASN A 122 -2.37 -8.14 26.94
C ASN A 122 -2.29 -9.65 26.92
N SER A 123 -2.51 -10.26 25.76
CA SER A 123 -2.48 -11.71 25.70
C SER A 123 -1.09 -12.22 26.07
N LYS A 124 -1.06 -13.42 26.63
CA LYS A 124 0.19 -14.08 26.98
C LYS A 124 0.53 -15.19 26.02
N HIS A 125 -0.34 -15.45 25.04
CA HIS A 125 -0.16 -16.58 24.14
C HIS A 125 0.63 -16.26 22.88
N PHE A 126 0.90 -14.99 22.62
CA PHE A 126 1.66 -14.60 21.46
C PHE A 126 2.07 -13.16 21.65
N ASP A 127 3.12 -12.78 20.94
CA ASP A 127 3.59 -11.40 20.91
C ASP A 127 2.97 -10.71 19.71
N PHE A 128 2.60 -9.46 19.90
CA PHE A 128 1.94 -8.66 18.88
C PHE A 128 2.85 -7.50 18.52
N ILE A 129 3.12 -7.32 17.23
CA ILE A 129 3.98 -6.26 16.73
C ILE A 129 3.10 -5.23 16.05
N LEU A 130 3.10 -4.01 16.57
CA LEU A 130 2.41 -2.90 15.97
C LEU A 130 3.37 -2.16 15.05
N PRO A 131 3.12 -2.14 13.74
CA PRO A 131 4.02 -1.41 12.85
C PRO A 131 3.55 0.03 12.66
N ARG A 132 4.23 0.77 11.79
CA ARG A 132 3.81 2.12 11.43
C ARG A 132 2.73 2.14 10.36
N HIS A 133 2.71 1.11 9.50
CA HIS A 133 1.90 1.12 8.29
C HIS A 133 1.50 -0.34 8.02
N GLU A 134 0.23 -0.56 7.62
CA GLU A 134 -0.23 -1.94 7.40
C GLU A 134 0.56 -2.66 6.31
N GLN A 135 1.08 -1.92 5.32
CA GLN A 135 1.98 -2.55 4.37
C GLN A 135 3.16 -3.17 5.08
N GLY A 136 3.66 -2.48 6.11
CA GLY A 136 4.74 -3.04 6.90
C GLY A 136 4.33 -4.31 7.60
N ALA A 137 3.15 -4.31 8.25
CA ALA A 137 2.64 -5.52 8.89
C ALA A 137 2.64 -6.70 7.92
N GLY A 138 2.20 -6.48 6.69
CA GLY A 138 2.17 -7.57 5.73
C GLY A 138 3.56 -8.06 5.34
N HIS A 139 4.46 -7.13 5.00
CA HIS A 139 5.80 -7.57 4.61
C HIS A 139 6.54 -8.23 5.78
N MET A 140 6.32 -7.78 7.02
CA MET A 140 6.90 -8.42 8.19
C MET A 140 6.40 -9.84 8.34
N ALA A 141 5.10 -10.06 8.10
CA ALA A 141 4.56 -11.40 8.12
C ALA A 141 5.21 -12.26 7.04
N GLU A 142 5.38 -11.69 5.86
CA GLU A 142 6.10 -12.41 4.81
C GLU A 142 7.47 -12.85 5.29
N GLY A 143 8.22 -11.93 5.89
CA GLY A 143 9.59 -12.26 6.30
C GLY A 143 9.62 -13.27 7.43
N TYR A 144 8.65 -13.17 8.33
CA TYR A 144 8.44 -14.17 9.38
C TYR A 144 8.21 -15.55 8.77
N ALA A 145 7.31 -15.62 7.80
CA ALA A 145 7.04 -16.87 7.13
C ALA A 145 8.28 -17.37 6.39
N ARG A 146 8.97 -16.46 5.69
CA ARG A 146 10.15 -16.85 4.92
C ARG A 146 11.25 -17.39 5.81
N ALA A 147 11.43 -16.80 7.00
CA ALA A 147 12.50 -17.26 7.89
C ALA A 147 12.13 -18.52 8.65
N SER A 148 10.83 -18.78 8.88
CA SER A 148 10.42 -19.86 9.78
C SER A 148 9.65 -21.00 9.15
N GLY A 149 9.09 -20.83 7.96
CA GLY A 149 8.24 -21.86 7.40
C GLY A 149 6.84 -21.91 7.98
N LYS A 150 6.52 -21.08 8.96
CA LYS A 150 5.21 -20.96 9.57
C LYS A 150 4.45 -19.83 8.88
N PRO A 151 3.11 -19.85 8.92
CA PRO A 151 2.38 -18.76 8.28
C PRO A 151 2.55 -17.46 9.03
N GLY A 152 2.68 -16.36 8.29
CA GLY A 152 2.62 -15.03 8.90
C GLY A 152 1.16 -14.63 9.11
N VAL A 153 0.87 -14.09 10.29
CA VAL A 153 -0.50 -13.75 10.67
C VAL A 153 -0.63 -12.23 10.77
N VAL A 154 -1.62 -11.68 10.06
CA VAL A 154 -1.85 -10.24 10.03
C VAL A 154 -3.28 -9.96 10.50
N VAL A 155 -3.46 -8.85 11.21
CA VAL A 155 -4.78 -8.44 11.70
C VAL A 155 -4.90 -6.94 11.49
N VAL A 156 -5.81 -6.52 10.61
CA VAL A 156 -6.01 -5.11 10.30
C VAL A 156 -7.50 -4.80 10.28
N THR A 157 -7.81 -3.52 10.11
CA THR A 157 -9.19 -3.07 10.16
C THR A 157 -9.72 -2.99 8.74
N SER A 158 -10.95 -2.49 8.59
CA SER A 158 -11.61 -2.45 7.30
C SER A 158 -11.07 -1.31 6.44
N GLY A 159 -11.57 -1.23 5.20
CA GLY A 159 -11.21 -0.18 4.30
C GLY A 159 -9.71 -0.03 4.07
N PRO A 160 -9.17 1.11 4.49
CA PRO A 160 -7.75 1.39 4.17
C PRO A 160 -6.81 0.48 4.91
N GLY A 161 -7.23 -0.06 6.05
CA GLY A 161 -6.43 -1.10 6.67
C GLY A 161 -6.27 -2.30 5.77
N ALA A 162 -7.32 -2.65 5.01
CA ALA A 162 -7.30 -3.81 4.14
C ALA A 162 -6.62 -3.52 2.80
N THR A 163 -6.96 -2.40 2.16
CA THR A 163 -6.31 -2.04 0.92
C THR A 163 -4.81 -1.81 1.10
N ASN A 164 -4.35 -1.43 2.29
CA ASN A 164 -2.92 -1.24 2.53
C ASN A 164 -2.15 -2.56 2.61
N VAL A 165 -2.83 -3.70 2.77
CA VAL A 165 -2.14 -4.98 2.72
C VAL A 165 -2.27 -5.69 1.38
N ILE A 166 -2.84 -5.03 0.36
CA ILE A 166 -2.96 -5.69 -0.94
C ILE A 166 -1.59 -5.92 -1.58
N THR A 167 -0.67 -4.96 -1.45
CA THR A 167 0.66 -5.21 -2.02
C THR A 167 1.36 -6.38 -1.36
N PRO A 168 1.46 -6.48 -0.03
CA PRO A 168 2.02 -7.71 0.57
C PRO A 168 1.28 -8.99 0.20
N MET A 169 -0.03 -8.95 -0.01
CA MET A 169 -0.73 -10.19 -0.35
C MET A 169 -0.38 -10.62 -1.76
N GLN A 170 -0.49 -9.71 -2.72
CA GLN A 170 -0.05 -10.03 -4.07
C GLN A 170 1.39 -10.51 -4.06
N ASP A 171 2.22 -9.88 -3.24
CA ASP A 171 3.62 -10.29 -3.13
C ASP A 171 3.72 -11.71 -2.62
N ALA A 172 2.96 -12.03 -1.56
CA ALA A 172 2.96 -13.38 -1.02
C ALA A 172 2.43 -14.38 -2.04
N LEU A 173 1.37 -14.02 -2.79
CA LEU A 173 0.87 -14.93 -3.82
C LEU A 173 1.94 -15.23 -4.87
N SER A 174 2.54 -14.16 -5.43
CA SER A 174 3.55 -14.35 -6.46
C SER A 174 4.71 -15.20 -5.98
N ASP A 175 5.02 -15.17 -4.69
CA ASP A 175 6.19 -15.87 -4.20
C ASP A 175 5.85 -17.07 -3.34
N GLY A 176 4.58 -17.45 -3.26
CA GLY A 176 4.18 -18.66 -2.55
C GLY A 176 4.49 -18.63 -1.05
N THR A 177 4.11 -17.52 -0.38
CA THR A 177 4.45 -17.32 1.01
C THR A 177 3.22 -17.51 1.86
N PRO A 178 3.22 -18.42 2.84
CA PRO A 178 2.01 -18.67 3.63
C PRO A 178 1.69 -17.50 4.55
N MET A 179 0.44 -17.05 4.50
CA MET A 179 0.01 -15.81 5.14
C MET A 179 -1.49 -15.92 5.40
N VAL A 180 -1.92 -15.58 6.62
CA VAL A 180 -3.34 -15.51 6.92
C VAL A 180 -3.61 -14.09 7.35
N VAL A 181 -4.39 -13.36 6.54
CA VAL A 181 -4.69 -11.95 6.77
C VAL A 181 -6.13 -11.82 7.27
N PHE A 182 -6.29 -11.35 8.49
CA PHE A 182 -7.60 -11.12 9.09
C PHE A 182 -7.97 -9.66 8.97
N CYS A 183 -9.08 -9.37 8.28
CA CYS A 183 -9.54 -8.00 8.05
C CYS A 183 -10.88 -7.78 8.74
N GLY A 184 -10.96 -6.74 9.56
CA GLY A 184 -12.25 -6.31 10.06
C GLY A 184 -13.11 -5.83 8.93
N GLN A 185 -14.42 -5.99 9.10
CA GLN A 185 -15.36 -5.61 8.06
C GLN A 185 -16.56 -4.97 8.74
N VAL A 186 -17.16 -3.99 8.07
CA VAL A 186 -18.40 -3.38 8.58
C VAL A 186 -19.46 -4.47 8.68
N PRO A 187 -20.47 -4.31 9.52
CA PRO A 187 -21.48 -5.36 9.66
C PRO A 187 -22.19 -5.67 8.35
N THR A 188 -22.57 -6.95 8.21
CA THR A 188 -23.21 -7.46 7.00
C THR A 188 -24.48 -6.70 6.59
N ALA A 199 -14.48 -0.55 1.98
CA ALA A 199 -14.00 -1.15 0.73
C ALA A 199 -14.63 -2.54 0.49
N ASP A 200 -14.68 -2.95 -0.77
CA ASP A 200 -15.06 -4.31 -1.16
C ASP A 200 -13.81 -5.19 -1.05
N VAL A 201 -13.48 -5.55 0.19
CA VAL A 201 -12.19 -6.18 0.48
C VAL A 201 -12.05 -7.50 -0.28
N VAL A 202 -13.09 -8.35 -0.23
CA VAL A 202 -12.98 -9.65 -0.90
C VAL A 202 -13.11 -9.53 -2.42
N GLY A 203 -13.73 -8.47 -2.92
CA GLY A 203 -13.71 -8.20 -4.35
C GLY A 203 -12.34 -7.74 -4.84
N ILE A 204 -11.79 -6.70 -4.20
CA ILE A 204 -10.48 -6.16 -4.58
C ILE A 204 -9.35 -7.17 -4.34
N SER A 205 -9.54 -8.14 -3.45
CA SER A 205 -8.48 -9.07 -3.07
C SER A 205 -8.63 -10.46 -3.68
N ARG A 206 -9.73 -10.73 -4.41
CA ARG A 206 -9.96 -12.04 -4.99
C ARG A 206 -8.82 -12.48 -5.90
N ALA A 207 -8.33 -11.58 -6.77
CA ALA A 207 -7.25 -11.90 -7.70
C ALA A 207 -5.87 -11.87 -7.05
N CYS A 208 -5.74 -11.35 -5.83
CA CYS A 208 -4.43 -11.31 -5.19
C CYS A 208 -4.35 -12.20 -3.96
N THR A 209 -5.26 -13.18 -3.81
CA THR A 209 -5.12 -14.13 -2.71
C THR A 209 -5.28 -15.54 -3.24
N LYS A 210 -4.72 -16.48 -2.46
CA LYS A 210 -4.92 -17.89 -2.79
C LYS A 210 -6.37 -18.31 -2.53
N TRP A 211 -7.01 -17.73 -1.53
CA TRP A 211 -8.40 -18.00 -1.19
C TRP A 211 -8.84 -16.90 -0.25
N ASN A 212 -10.07 -16.44 -0.37
CA ASN A 212 -10.60 -15.56 0.66
C ASN A 212 -11.99 -16.03 1.09
N VAL A 213 -12.34 -15.69 2.32
CA VAL A 213 -13.62 -16.09 2.88
C VAL A 213 -14.12 -14.97 3.78
N MET A 214 -15.43 -14.76 3.76
CA MET A 214 -16.05 -13.88 4.73
C MET A 214 -16.82 -14.72 5.72
N VAL A 215 -16.42 -14.65 6.99
CA VAL A 215 -17.13 -15.33 8.06
C VAL A 215 -18.49 -14.66 8.23
N LYS A 216 -19.56 -15.43 8.18
CA LYS A 216 -20.90 -14.86 8.23
C LYS A 216 -21.52 -14.85 9.62
N SER A 217 -21.18 -15.83 10.46
CA SER A 217 -21.71 -15.88 11.81
C SER A 217 -20.63 -16.35 12.76
N VAL A 218 -20.83 -16.03 14.05
CA VAL A 218 -19.93 -16.46 15.10
C VAL A 218 -19.75 -17.96 15.09
N ALA A 219 -20.81 -18.71 14.77
CA ALA A 219 -20.75 -20.15 14.92
C ALA A 219 -19.73 -20.77 13.98
N GLU A 220 -19.53 -20.19 12.81
CA GLU A 220 -18.63 -20.78 11.83
C GLU A 220 -17.19 -20.27 11.92
N LEU A 221 -16.89 -19.40 12.88
CA LEU A 221 -15.55 -18.81 12.95
C LEU A 221 -14.47 -19.85 13.17
N PRO A 222 -14.60 -20.83 14.08
CA PRO A 222 -13.49 -21.81 14.23
C PRO A 222 -13.27 -22.62 12.98
N ARG A 223 -14.35 -22.99 12.29
CA ARG A 223 -14.23 -23.78 11.08
C ARG A 223 -13.50 -23.02 9.99
N ARG A 224 -13.80 -21.71 9.86
CA ARG A 224 -13.17 -20.93 8.81
C ARG A 224 -11.71 -20.63 9.14
N ILE A 225 -11.41 -20.32 10.41
CA ILE A 225 -10.02 -20.12 10.83
C ILE A 225 -9.20 -21.35 10.43
N ASN A 226 -9.67 -22.53 10.79
CA ASN A 226 -8.95 -23.76 10.47
C ASN A 226 -8.83 -23.97 8.97
N GLU A 227 -9.87 -23.65 8.22
CA GLU A 227 -9.78 -23.75 6.77
C GLU A 227 -8.70 -22.83 6.22
N ALA A 228 -8.62 -21.62 6.79
CA ALA A 228 -7.67 -20.63 6.29
C ALA A 228 -6.22 -21.08 6.49
N PHE A 229 -5.89 -21.52 7.70
CA PHE A 229 -4.53 -21.98 7.94
C PHE A 229 -4.20 -23.20 7.07
N GLU A 230 -5.16 -24.13 6.92
CA GLU A 230 -4.93 -25.31 6.08
C GLU A 230 -4.68 -24.94 4.63
N ILE A 231 -5.48 -24.02 4.08
CA ILE A 231 -5.27 -23.59 2.71
C ILE A 231 -3.96 -22.82 2.56
N ALA A 232 -3.66 -21.93 3.51
CA ALA A 232 -2.47 -21.10 3.37
C ALA A 232 -1.21 -21.92 3.31
N THR A 233 -1.17 -23.06 3.99
CA THR A 233 0.07 -23.81 4.20
C THR A 233 0.21 -25.04 3.32
N SER A 234 -0.80 -25.42 2.56
CA SER A 234 -0.76 -26.67 1.80
C SER A 234 -0.56 -26.39 0.33
N GLY A 235 -0.31 -27.46 -0.41
CA GLY A 235 0.07 -27.30 -1.79
C GLY A 235 1.20 -26.30 -1.90
N ARG A 236 1.11 -25.40 -2.88
CA ARG A 236 1.96 -24.22 -2.90
C ARG A 236 1.43 -23.23 -1.88
N PRO A 237 2.18 -22.91 -0.82
CA PRO A 237 1.71 -21.93 0.16
C PRO A 237 1.31 -20.62 -0.50
N GLY A 238 0.42 -19.88 0.14
CA GLY A 238 0.00 -18.60 -0.37
C GLY A 238 -0.78 -17.84 0.68
N PRO A 239 -1.15 -16.59 0.38
CA PRO A 239 -1.90 -15.79 1.35
C PRO A 239 -3.39 -16.08 1.29
N VAL A 240 -4.03 -16.04 2.44
CA VAL A 240 -5.47 -16.27 2.57
C VAL A 240 -6.07 -15.10 3.34
N LEU A 241 -7.10 -14.49 2.78
CA LEU A 241 -7.78 -13.37 3.42
C LEU A 241 -9.05 -13.84 4.11
N VAL A 242 -9.21 -13.50 5.38
CA VAL A 242 -10.42 -13.81 6.13
C VAL A 242 -11.09 -12.50 6.56
N ASP A 243 -12.24 -12.18 5.97
CA ASP A 243 -13.04 -11.02 6.38
C ASP A 243 -13.79 -11.33 7.68
N LEU A 244 -13.72 -10.40 8.63
CA LEU A 244 -14.33 -10.55 9.96
C LEU A 244 -15.31 -9.39 10.18
N PRO A 245 -16.58 -9.58 9.85
CA PRO A 245 -17.57 -8.53 10.16
C PRO A 245 -17.65 -8.22 11.65
N LYS A 246 -17.83 -6.95 11.96
CA LYS A 246 -17.87 -6.50 13.35
C LYS A 246 -18.94 -7.24 14.15
N ASP A 247 -20.10 -7.53 13.55
CA ASP A 247 -21.14 -8.27 14.27
C ASP A 247 -20.70 -9.70 14.58
N VAL A 248 -19.83 -10.29 13.76
CA VAL A 248 -19.36 -11.64 14.04
C VAL A 248 -18.39 -11.63 15.22
N THR A 249 -17.57 -10.60 15.34
CA THR A 249 -16.55 -10.63 16.38
C THR A 249 -17.05 -10.03 17.68
N ALA A 250 -18.02 -9.10 17.61
CA ALA A 250 -18.66 -8.65 18.83
C ALA A 250 -19.73 -9.65 19.31
N GLY A 251 -20.32 -10.43 18.40
CA GLY A 251 -21.39 -11.35 18.76
C GLY A 251 -20.94 -12.49 19.66
N ILE A 252 -21.90 -13.09 20.36
CA ILE A 252 -21.63 -14.15 21.32
C ILE A 252 -22.13 -15.47 20.74
N LEU A 253 -21.37 -16.53 20.97
CA LEU A 253 -21.81 -17.88 20.63
C LEU A 253 -22.51 -18.46 21.84
N ARG A 254 -23.76 -18.90 21.66
CA ARG A 254 -24.58 -19.37 22.76
C ARG A 254 -24.84 -20.87 22.72
N ARG A 255 -24.12 -21.61 21.88
CA ARG A 255 -24.43 -22.99 21.64
C ARG A 255 -23.17 -23.73 21.21
N ALA A 256 -23.16 -25.03 21.46
CA ALA A 256 -22.08 -25.87 20.98
C ALA A 256 -22.06 -25.90 19.46
N ILE A 257 -20.90 -26.26 18.92
CA ILE A 257 -20.68 -26.29 17.48
C ILE A 257 -19.85 -27.53 17.13
N PRO A 258 -19.89 -27.96 15.87
CA PRO A 258 -19.32 -29.26 15.52
C PRO A 258 -17.81 -29.22 15.32
N THR A 259 -17.18 -30.35 15.65
CA THR A 259 -15.73 -30.51 15.57
C THR A 259 -15.31 -31.25 14.29
N PRO A 267 -13.05 -45.59 5.04
CA PRO A 267 -12.68 -45.60 3.61
C PRO A 267 -13.27 -46.81 2.88
N SER A 268 -13.98 -46.56 1.78
CA SER A 268 -14.65 -47.64 1.06
C SER A 268 -13.64 -48.46 0.25
N ALA A 269 -14.15 -49.46 -0.47
CA ALA A 269 -13.28 -50.25 -1.34
C ALA A 269 -13.02 -49.53 -2.66
N ALA A 270 -14.02 -48.85 -3.22
CA ALA A 270 -13.82 -48.10 -4.45
C ALA A 270 -12.72 -47.05 -4.27
N THR A 271 -12.79 -46.29 -3.18
CA THR A 271 -11.74 -45.32 -2.87
C THR A 271 -10.40 -46.02 -2.68
N ARG A 272 -10.39 -47.10 -1.92
CA ARG A 272 -9.16 -47.80 -1.64
C ARG A 272 -8.53 -48.34 -2.91
N ALA A 273 -9.35 -48.80 -3.86
CA ALA A 273 -8.85 -49.29 -5.14
C ALA A 273 -8.23 -48.16 -5.96
N ALA A 274 -8.93 -47.03 -6.02
CA ALA A 274 -8.42 -45.89 -6.78
C ALA A 274 -7.14 -45.37 -6.17
N LYS A 275 -7.04 -45.40 -4.83
CA LYS A 275 -5.83 -45.00 -4.15
C LYS A 275 -4.63 -45.81 -4.62
N GLU A 276 -4.74 -47.14 -4.58
CA GLU A 276 -3.63 -47.97 -5.06
C GLU A 276 -3.30 -47.62 -6.50
N LEU A 277 -4.31 -47.37 -7.34
CA LEU A 277 -4.03 -47.09 -8.74
C LEU A 277 -3.24 -45.79 -8.90
N SER A 278 -3.67 -44.71 -8.23
CA SER A 278 -2.89 -43.47 -8.33
C SER A 278 -1.49 -43.61 -7.74
N THR A 279 -1.32 -44.42 -6.68
CA THR A 279 0.03 -44.65 -6.19
C THR A 279 0.91 -45.32 -7.24
N GLN A 280 0.33 -46.21 -8.06
CA GLN A 280 1.14 -46.90 -9.06
C GLN A 280 1.53 -45.97 -10.20
N GLN A 281 0.62 -45.06 -10.59
CA GLN A 281 1.00 -44.06 -11.58
C GLN A 281 2.17 -43.20 -11.09
N LEU A 282 2.08 -42.67 -9.85
CA LEU A 282 3.17 -41.88 -9.28
C LEU A 282 4.48 -42.66 -9.33
N ASN A 283 4.45 -43.88 -8.80
CA ASN A 283 5.65 -44.72 -8.78
C ASN A 283 6.19 -44.97 -10.17
N ALA A 284 5.29 -45.11 -11.16
CA ALA A 284 5.72 -45.27 -12.54
C ALA A 284 6.45 -44.03 -13.03
N SER A 285 5.86 -42.84 -12.83
CA SER A 285 6.52 -41.63 -13.29
C SER A 285 7.84 -41.41 -12.56
N ILE A 286 7.95 -41.87 -11.30
CA ILE A 286 9.23 -41.75 -10.61
C ILE A 286 10.29 -42.66 -11.24
N LYS A 287 9.91 -43.87 -11.62
CA LYS A 287 10.85 -44.76 -12.29
C LYS A 287 11.33 -44.17 -13.61
N ARG A 288 10.40 -43.63 -14.41
CA ARG A 288 10.78 -43.05 -15.69
C ARG A 288 11.73 -41.87 -15.49
N ALA A 289 11.42 -40.99 -14.54
CA ALA A 289 12.34 -39.92 -14.21
C ALA A 289 13.71 -40.48 -13.88
N ALA A 290 13.76 -41.51 -13.03
CA ALA A 290 15.04 -42.10 -12.67
C ALA A 290 15.79 -42.64 -13.89
N ASP A 291 15.09 -43.35 -14.78
CA ASP A 291 15.72 -43.88 -16.00
C ASP A 291 16.26 -42.76 -16.86
N LEU A 292 15.50 -41.67 -17.01
CA LEU A 292 15.96 -40.51 -17.78
C LEU A 292 17.28 -39.97 -17.23
N ILE A 293 17.33 -39.73 -15.91
CA ILE A 293 18.58 -39.29 -15.28
C ILE A 293 19.71 -40.26 -15.59
N ASN A 294 19.45 -41.57 -15.46
CA ASN A 294 20.54 -42.54 -15.51
C ASN A 294 21.21 -42.56 -16.88
N MET A 295 20.48 -42.23 -17.93
CA MET A 295 21.05 -42.21 -19.27
C MET A 295 21.66 -40.85 -19.66
N GLY A 296 21.70 -39.89 -18.75
CA GLY A 296 22.20 -38.57 -19.07
C GLY A 296 23.71 -38.47 -18.90
N LYS A 297 24.35 -37.83 -19.88
CA LYS A 297 25.79 -37.63 -19.85
C LYS A 297 26.18 -36.22 -19.43
N LYS A 298 25.25 -35.27 -19.52
CA LYS A 298 25.47 -33.91 -19.03
C LYS A 298 24.22 -33.47 -18.25
N PRO A 299 24.00 -34.04 -17.07
CA PRO A 299 22.79 -33.72 -16.30
C PRO A 299 22.99 -32.49 -15.46
N VAL A 300 21.90 -31.80 -15.18
CA VAL A 300 21.92 -30.63 -14.29
C VAL A 300 20.65 -30.62 -13.46
N ILE A 301 20.79 -30.24 -12.19
CA ILE A 301 19.68 -29.98 -11.30
C ILE A 301 19.39 -28.49 -11.30
N TYR A 302 18.12 -28.15 -11.47
CA TYR A 302 17.62 -26.78 -11.50
C TYR A 302 16.65 -26.72 -10.33
N ALA A 303 17.08 -26.11 -9.22
CA ALA A 303 16.38 -26.19 -7.94
C ALA A 303 15.80 -24.83 -7.56
N GLY A 304 14.56 -24.84 -7.09
CA GLY A 304 13.90 -23.60 -6.75
C GLY A 304 13.34 -23.57 -5.33
N GLN A 305 12.48 -22.59 -5.05
CA GLN A 305 11.98 -22.46 -3.69
C GLN A 305 11.16 -23.67 -3.25
N GLY A 306 10.66 -24.46 -4.19
CA GLY A 306 9.92 -25.64 -3.81
C GLY A 306 10.74 -26.61 -3.00
N VAL A 307 12.04 -26.69 -3.29
CA VAL A 307 12.90 -27.54 -2.49
C VAL A 307 13.03 -26.99 -1.07
N ILE A 308 13.11 -25.67 -0.90
CA ILE A 308 13.18 -25.14 0.46
C ILE A 308 11.86 -25.35 1.21
N GLN A 309 10.73 -25.36 0.52
CA GLN A 309 9.45 -25.45 1.18
C GLN A 309 9.01 -26.89 1.41
N SER A 310 9.83 -27.86 1.05
CA SER A 310 9.51 -29.27 1.22
C SER A 310 10.32 -29.80 2.39
N GLU A 311 9.64 -30.46 3.33
CA GLU A 311 10.30 -31.16 4.42
C GLU A 311 11.41 -32.07 3.91
N GLY A 312 12.62 -31.89 4.43
CA GLY A 312 13.74 -32.70 4.00
C GLY A 312 14.32 -32.34 2.66
N GLY A 313 13.82 -31.29 2.01
CA GLY A 313 14.15 -30.99 0.63
C GLY A 313 15.64 -30.76 0.39
N PRO A 314 16.26 -29.83 1.14
CA PRO A 314 17.69 -29.59 0.91
C PRO A 314 18.56 -30.80 1.24
N GLU A 315 18.24 -31.52 2.31
CA GLU A 315 19.00 -32.73 2.61
C GLU A 315 18.88 -33.73 1.44
N LEU A 316 17.66 -33.95 0.97
CA LEU A 316 17.47 -34.89 -0.14
C LEU A 316 18.16 -34.40 -1.42
N LEU A 317 18.12 -33.09 -1.68
CA LEU A 317 18.80 -32.54 -2.84
C LEU A 317 20.28 -32.86 -2.81
N LYS A 318 20.90 -32.68 -1.64
CA LYS A 318 22.32 -32.95 -1.49
C LYS A 318 22.63 -34.42 -1.71
N GLU A 319 21.80 -35.30 -1.12
CA GLU A 319 21.98 -36.74 -1.32
C GLU A 319 21.91 -37.11 -2.79
N LEU A 320 20.96 -36.53 -3.54
CA LEU A 320 20.81 -36.84 -4.96
C LEU A 320 22.03 -36.38 -5.76
N ALA A 321 22.41 -35.11 -5.57
CA ALA A 321 23.54 -34.53 -6.30
C ALA A 321 24.84 -35.22 -5.94
N ASP A 322 24.99 -35.61 -4.69
CA ASP A 322 26.19 -36.31 -4.25
C ASP A 322 26.25 -37.72 -4.86
N LYS A 323 25.15 -38.47 -4.80
CA LYS A 323 25.18 -39.86 -5.25
C LYS A 323 25.46 -39.96 -6.74
N ALA A 324 24.86 -39.08 -7.55
CA ALA A 324 24.95 -39.15 -9.00
C ALA A 324 25.94 -38.16 -9.60
N SER A 325 26.61 -37.37 -8.76
CA SER A 325 27.55 -36.34 -9.18
C SER A 325 26.93 -35.40 -10.22
N ILE A 326 25.82 -34.77 -9.84
CA ILE A 326 25.09 -33.86 -10.73
C ILE A 326 25.32 -32.43 -10.26
N PRO A 327 25.70 -31.51 -11.14
CA PRO A 327 25.80 -30.10 -10.75
C PRO A 327 24.42 -29.48 -10.52
N VAL A 328 24.40 -28.50 -9.62
CA VAL A 328 23.19 -27.93 -9.07
C VAL A 328 23.18 -26.42 -9.31
N THR A 329 22.17 -25.93 -10.02
CA THR A 329 21.92 -24.49 -10.06
C THR A 329 20.59 -24.17 -9.39
N THR A 330 20.45 -22.94 -8.87
CA THR A 330 19.22 -22.53 -8.21
C THR A 330 18.72 -21.21 -8.77
N THR A 331 17.43 -20.98 -8.57
CA THR A 331 16.84 -19.67 -8.79
C THR A 331 17.22 -18.71 -7.67
N LEU A 332 16.77 -17.46 -7.82
CA LEU A 332 16.85 -16.46 -6.78
C LEU A 332 16.26 -16.96 -5.45
N HIS A 333 15.03 -17.49 -5.49
CA HIS A 333 14.37 -18.00 -4.29
C HIS A 333 14.97 -19.32 -3.79
N GLY A 334 15.62 -20.10 -4.66
CA GLY A 334 16.25 -21.32 -4.20
C GLY A 334 17.61 -21.18 -3.56
N LEU A 335 18.15 -19.96 -3.50
CA LEU A 335 19.48 -19.74 -2.94
C LEU A 335 19.54 -20.25 -1.51
N GLY A 336 20.56 -21.04 -1.20
CA GLY A 336 20.64 -21.70 0.10
C GLY A 336 20.04 -23.09 0.14
N ALA A 337 19.32 -23.51 -0.92
CA ALA A 337 18.91 -24.91 -1.00
C ALA A 337 20.11 -25.83 -1.14
N PHE A 338 21.20 -25.36 -1.77
CA PHE A 338 22.39 -26.16 -1.97
C PHE A 338 23.62 -25.33 -1.57
N ASP A 339 24.67 -26.01 -1.12
CA ASP A 339 25.85 -25.32 -0.61
C ASP A 339 26.65 -24.73 -1.77
N GLU A 340 26.72 -23.41 -1.84
CA GLU A 340 27.37 -22.80 -2.99
C GLU A 340 28.88 -22.89 -2.91
N LEU A 341 29.43 -23.45 -1.83
CA LEU A 341 30.85 -23.72 -1.75
C LEU A 341 31.20 -25.14 -2.18
N ASP A 342 30.20 -25.99 -2.45
CA ASP A 342 30.43 -27.32 -2.97
C ASP A 342 30.93 -27.24 -4.41
N GLU A 343 31.81 -28.16 -4.79
CA GLU A 343 32.36 -28.15 -6.14
C GLU A 343 31.29 -28.32 -7.22
N LYS A 344 30.14 -28.90 -6.87
CA LYS A 344 29.04 -29.13 -7.80
C LYS A 344 28.09 -27.95 -7.94
N SER A 345 28.29 -26.87 -7.19
CA SER A 345 27.39 -25.71 -7.26
C SER A 345 27.63 -24.92 -8.54
N LEU A 346 26.55 -24.62 -9.25
CA LEU A 346 26.63 -23.69 -10.37
C LEU A 346 26.16 -22.30 -9.98
N HIS A 347 25.76 -22.10 -8.72
CA HIS A 347 25.20 -20.83 -8.25
C HIS A 347 23.94 -20.49 -9.02
N MET A 348 23.51 -19.22 -8.98
CA MET A 348 22.22 -18.87 -9.53
C MET A 348 22.26 -18.84 -11.04
N LEU A 349 21.18 -19.30 -11.68
CA LEU A 349 21.00 -19.16 -13.13
C LEU A 349 19.99 -18.04 -13.45
N GLY A 350 19.98 -17.62 -14.73
CA GLY A 350 18.90 -16.81 -15.26
C GLY A 350 19.38 -15.46 -15.78
N MET A 351 18.46 -14.48 -15.73
CA MET A 351 18.73 -13.18 -16.35
C MET A 351 19.98 -12.52 -15.78
N HIS A 352 20.20 -12.60 -14.47
CA HIS A 352 21.45 -12.13 -13.88
C HIS A 352 22.21 -13.26 -13.18
N GLY A 353 22.04 -14.51 -13.63
CA GLY A 353 22.76 -15.62 -13.03
C GLY A 353 24.21 -15.72 -13.50
N ALA A 354 24.97 -16.55 -12.82
CA ALA A 354 26.33 -16.85 -13.26
C ALA A 354 26.33 -17.33 -14.70
N ALA A 355 27.31 -16.87 -15.47
CA ALA A 355 27.41 -17.32 -16.85
C ALA A 355 27.62 -18.82 -16.95
N TYR A 356 28.33 -19.41 -15.97
CA TYR A 356 28.57 -20.84 -16.04
C TYR A 356 27.32 -21.65 -15.73
N ALA A 357 26.40 -21.09 -14.93
CA ALA A 357 25.11 -21.74 -14.73
C ALA A 357 24.27 -21.74 -16.00
N ASN A 358 24.23 -20.60 -16.71
CA ASN A 358 23.39 -20.53 -17.90
C ASN A 358 23.93 -21.39 -19.04
N MET A 359 25.25 -21.45 -19.19
CA MET A 359 25.85 -22.36 -20.17
C MET A 359 25.48 -23.80 -19.87
N ALA A 360 25.72 -24.23 -18.62
CA ALA A 360 25.40 -25.59 -18.22
C ALA A 360 23.95 -25.93 -18.50
N MET A 361 23.02 -25.00 -18.20
CA MET A 361 21.62 -25.23 -18.51
C MET A 361 21.38 -25.35 -20.01
N GLN A 362 22.19 -24.66 -20.82
CA GLN A 362 21.94 -24.68 -22.27
C GLN A 362 22.58 -25.88 -22.94
N GLN A 363 23.54 -26.52 -22.28
CA GLN A 363 24.25 -27.67 -22.79
C GLN A 363 23.77 -28.98 -22.21
N ALA A 364 22.88 -28.96 -21.22
CA ALA A 364 22.55 -30.17 -20.49
C ALA A 364 21.61 -31.05 -21.30
N ASP A 365 21.84 -32.36 -21.25
CA ASP A 365 20.92 -33.27 -21.93
C ASP A 365 19.75 -33.68 -21.04
N VAL A 366 19.91 -33.63 -19.72
CA VAL A 366 18.84 -33.92 -18.76
C VAL A 366 18.77 -32.79 -17.74
N ILE A 367 17.60 -32.19 -17.59
CA ILE A 367 17.38 -31.12 -16.63
C ILE A 367 16.42 -31.62 -15.58
N ILE A 368 16.85 -31.62 -14.33
CA ILE A 368 16.03 -32.07 -13.22
C ILE A 368 15.50 -30.83 -12.52
N ALA A 369 14.26 -30.44 -12.83
CA ALA A 369 13.68 -29.21 -12.32
C ALA A 369 12.94 -29.53 -11.03
N LEU A 370 13.42 -28.99 -9.91
CA LEU A 370 12.91 -29.37 -8.60
C LEU A 370 12.26 -28.15 -7.95
N GLY A 371 10.94 -28.19 -7.81
CA GLY A 371 10.28 -27.10 -7.12
C GLY A 371 10.58 -25.75 -7.70
N SER A 372 10.54 -25.62 -9.02
CA SER A 372 10.75 -24.36 -9.70
C SER A 372 9.76 -24.20 -10.85
N ARG A 373 9.43 -22.95 -11.20
CA ARG A 373 8.34 -22.70 -12.14
C ARG A 373 8.79 -22.06 -13.46
N PHE A 374 10.09 -22.09 -13.78
CA PHE A 374 10.59 -21.65 -15.09
C PHE A 374 10.19 -20.20 -15.39
N ASP A 375 10.32 -19.31 -14.43
CA ASP A 375 9.93 -17.94 -14.66
C ASP A 375 10.71 -17.35 -15.85
N ASP A 376 10.12 -16.31 -16.46
CA ASP A 376 10.72 -15.69 -17.64
C ASP A 376 12.08 -15.09 -17.32
N ARG A 377 12.28 -14.61 -16.10
CA ARG A 377 13.59 -14.13 -15.69
C ARG A 377 14.58 -15.24 -15.37
N VAL A 378 14.20 -16.50 -15.57
CA VAL A 378 15.10 -17.63 -15.46
C VAL A 378 15.49 -18.18 -16.83
N THR A 379 14.52 -18.32 -17.73
CA THR A 379 14.72 -19.12 -18.92
C THR A 379 15.30 -18.35 -20.09
N GLY A 380 15.34 -17.02 -20.03
CA GLY A 380 15.61 -16.34 -21.27
C GLY A 380 14.43 -16.54 -22.23
N VAL A 381 14.72 -16.33 -23.52
CA VAL A 381 13.70 -16.59 -24.54
C VAL A 381 13.37 -18.08 -24.51
N VAL A 382 12.10 -18.39 -24.19
CA VAL A 382 11.70 -19.76 -23.93
C VAL A 382 11.95 -20.66 -25.13
N SER A 383 11.65 -20.18 -26.34
CA SER A 383 11.83 -21.02 -27.51
C SER A 383 13.30 -21.36 -27.74
N LYS A 384 14.22 -20.56 -27.21
CA LYS A 384 15.64 -20.86 -27.29
C LYS A 384 16.18 -21.48 -26.01
N PHE A 385 15.32 -21.79 -25.03
CA PHE A 385 15.78 -22.29 -23.74
C PHE A 385 16.06 -23.78 -23.80
N ALA A 386 17.18 -24.20 -23.21
CA ALA A 386 17.54 -25.60 -23.03
C ALA A 386 17.55 -26.38 -24.35
N PRO A 387 18.23 -25.89 -25.39
CA PRO A 387 18.21 -26.62 -26.66
C PRO A 387 18.79 -28.03 -26.55
N ALA A 388 19.85 -28.22 -25.79
CA ALA A 388 20.46 -29.54 -25.69
C ALA A 388 19.48 -30.54 -25.08
N ALA A 389 18.80 -30.13 -24.01
CA ALA A 389 17.84 -31.03 -23.37
C ALA A 389 16.66 -31.35 -24.28
N ARG A 390 16.22 -30.38 -25.10
CA ARG A 390 15.08 -30.62 -25.96
C ARG A 390 15.44 -31.57 -27.10
N GLN A 391 16.65 -31.44 -27.63
CA GLN A 391 17.12 -32.37 -28.64
C GLN A 391 17.25 -33.78 -28.07
N ALA A 392 17.70 -33.89 -26.82
CA ALA A 392 17.85 -35.22 -26.24
C ALA A 392 16.51 -35.89 -26.00
N ALA A 393 15.48 -35.09 -25.70
CA ALA A 393 14.14 -35.65 -25.62
C ALA A 393 13.67 -36.17 -26.97
N ALA A 394 13.91 -35.38 -28.03
CA ALA A 394 13.55 -35.78 -29.37
C ALA A 394 14.19 -37.11 -29.75
N GLU A 395 15.45 -37.32 -29.36
CA GLU A 395 16.16 -38.54 -29.64
C GLU A 395 16.04 -39.57 -28.53
N GLY A 396 15.10 -39.38 -27.60
CA GLY A 396 14.85 -40.37 -26.56
C GLY A 396 16.04 -40.65 -25.67
N ARG A 397 16.85 -39.63 -25.38
CA ARG A 397 18.01 -39.84 -24.52
C ARG A 397 18.12 -38.77 -23.43
N GLY A 398 17.05 -38.05 -23.14
CA GLY A 398 17.13 -36.97 -22.18
C GLY A 398 15.87 -36.14 -22.18
N GLY A 399 16.00 -34.92 -21.66
CA GLY A 399 14.89 -34.01 -21.60
C GLY A 399 14.80 -33.33 -20.24
N ILE A 400 13.60 -32.82 -19.98
CA ILE A 400 13.30 -31.98 -18.84
C ILE A 400 12.38 -32.76 -17.92
N ILE A 401 12.85 -33.01 -16.70
CA ILE A 401 12.07 -33.65 -15.65
C ILE A 401 11.59 -32.57 -14.68
N HIS A 402 10.30 -32.55 -14.38
CA HIS A 402 9.72 -31.48 -13.58
C HIS A 402 9.03 -32.06 -12.35
N PHE A 403 9.56 -31.75 -11.17
CA PHE A 403 8.87 -32.10 -9.92
C PHE A 403 8.08 -30.89 -9.44
N GLU A 404 6.77 -31.02 -9.38
CA GLU A 404 5.91 -29.87 -9.15
C GLU A 404 4.70 -30.31 -8.35
N ILE A 405 4.37 -29.55 -7.28
CA ILE A 405 3.27 -29.91 -6.39
C ILE A 405 1.90 -29.50 -6.96
N MET A 406 1.84 -28.49 -7.82
CA MET A 406 0.53 -28.12 -8.34
C MET A 406 0.38 -28.75 -9.73
N PRO A 407 -0.37 -29.84 -9.86
CA PRO A 407 -0.43 -30.52 -11.17
C PRO A 407 -0.74 -29.56 -12.31
N LYS A 408 -1.65 -28.63 -12.07
CA LYS A 408 -2.01 -27.63 -13.07
C LYS A 408 -0.82 -26.83 -13.56
N ASN A 409 0.21 -26.63 -12.73
CA ASN A 409 1.32 -25.76 -13.16
C ASN A 409 2.29 -26.45 -14.11
N ILE A 410 2.17 -27.76 -14.34
CA ILE A 410 3.09 -28.46 -15.22
C ILE A 410 2.73 -28.16 -16.67
N ASN A 411 3.75 -28.12 -17.53
CA ASN A 411 3.64 -27.78 -18.95
C ASN A 411 3.01 -26.42 -19.20
N LYS A 412 3.03 -25.50 -18.22
CA LYS A 412 2.45 -24.19 -18.46
C LYS A 412 3.43 -23.26 -19.17
N VAL A 413 4.73 -23.49 -19.02
CA VAL A 413 5.78 -22.61 -19.54
C VAL A 413 6.75 -23.40 -20.40
N VAL A 414 7.15 -24.56 -19.90
CA VAL A 414 8.12 -25.40 -20.58
C VAL A 414 7.54 -26.80 -20.63
N GLN A 415 7.67 -27.47 -21.75
CA GLN A 415 7.16 -28.82 -21.87
C GLN A 415 8.08 -29.76 -21.11
N ALA A 416 7.49 -30.55 -20.20
CA ALA A 416 8.23 -31.55 -19.45
C ALA A 416 8.25 -32.88 -20.19
N THR A 417 9.43 -33.45 -20.34
CA THR A 417 9.52 -34.81 -20.85
C THR A 417 8.97 -35.79 -19.84
N GLU A 418 9.18 -35.53 -18.54
CA GLU A 418 8.72 -36.41 -17.48
C GLU A 418 8.25 -35.54 -16.32
N ALA A 419 6.98 -35.68 -15.96
CA ALA A 419 6.42 -34.94 -14.85
C ALA A 419 6.30 -35.86 -13.66
N VAL A 420 6.57 -35.33 -12.47
CA VAL A 420 6.38 -36.06 -11.23
C VAL A 420 5.58 -35.14 -10.32
N GLU A 421 4.30 -35.47 -10.14
CA GLU A 421 3.41 -34.63 -9.36
C GLU A 421 3.59 -34.90 -7.87
N GLY A 422 3.45 -33.84 -7.09
CA GLY A 422 3.42 -33.93 -5.65
C GLY A 422 4.62 -33.25 -4.99
N ASP A 423 4.73 -33.47 -3.70
CA ASP A 423 5.73 -32.85 -2.86
C ASP A 423 7.12 -33.34 -3.24
N VAL A 424 8.03 -32.41 -3.57
CA VAL A 424 9.29 -32.81 -4.18
C VAL A 424 10.16 -33.60 -3.21
N GLY A 425 10.12 -33.32 -1.92
CA GLY A 425 10.89 -34.12 -0.98
C GLY A 425 10.43 -35.57 -0.92
N ALA A 426 9.10 -35.78 -0.78
CA ALA A 426 8.59 -37.14 -0.74
C ALA A 426 8.96 -37.92 -1.99
N ASN A 427 8.83 -37.28 -3.16
CA ASN A 427 9.13 -37.96 -4.40
C ASN A 427 10.64 -38.14 -4.64
N MET A 428 11.49 -37.29 -4.05
CA MET A 428 12.92 -37.52 -4.19
C MET A 428 13.36 -38.72 -3.33
N LYS A 429 12.74 -38.93 -2.18
CA LYS A 429 13.03 -40.13 -1.39
C LYS A 429 12.84 -41.38 -2.23
N LEU A 430 11.75 -41.43 -3.00
CA LEU A 430 11.48 -42.60 -3.82
C LEU A 430 12.37 -42.65 -5.04
N LEU A 431 12.81 -41.49 -5.54
CA LEU A 431 13.63 -41.42 -6.74
C LEU A 431 15.07 -41.87 -6.48
N ILE A 432 15.63 -41.51 -5.33
CA ILE A 432 17.09 -41.63 -5.16
C ILE A 432 17.56 -43.08 -5.23
N PRO A 433 16.93 -44.04 -4.54
CA PRO A 433 17.38 -45.44 -4.69
C PRO A 433 17.46 -45.91 -6.14
N GLN A 434 16.62 -45.38 -7.02
CA GLN A 434 16.56 -45.83 -8.41
C GLN A 434 17.56 -45.12 -9.32
N VAL A 435 18.32 -44.17 -8.80
CA VAL A 435 19.31 -43.44 -9.58
C VAL A 435 20.67 -44.06 -9.32
N LYS A 436 21.40 -44.40 -10.37
CA LYS A 436 22.66 -45.08 -10.21
C LYS A 436 23.76 -44.09 -9.86
N ALA A 437 24.66 -44.51 -8.98
CA ALA A 437 25.70 -43.63 -8.48
C ALA A 437 26.76 -43.40 -9.54
N LYS A 438 27.31 -42.19 -9.54
CA LYS A 438 28.37 -41.79 -10.44
C LYS A 438 29.34 -40.93 -9.64
N THR A 439 30.64 -41.13 -9.89
CA THR A 439 31.70 -40.30 -9.32
C THR A 439 31.90 -39.06 -10.18
N MET A 440 32.66 -38.11 -9.63
CA MET A 440 33.07 -36.96 -10.44
C MET A 440 33.97 -37.38 -11.59
N GLU A 441 34.76 -38.44 -11.39
CA GLU A 441 35.58 -38.97 -12.46
C GLU A 441 34.72 -39.55 -13.59
N ASP A 442 33.60 -40.18 -13.25
CA ASP A 442 32.67 -40.63 -14.29
C ASP A 442 32.14 -39.47 -15.13
N ARG A 443 32.10 -38.25 -14.59
CA ARG A 443 31.57 -37.10 -15.32
C ARG A 443 32.65 -36.09 -15.68
N LYS A 444 33.87 -36.56 -15.95
CA LYS A 444 35.01 -35.69 -16.17
C LYS A 444 34.77 -34.69 -17.31
N GLU A 445 34.28 -35.18 -18.46
CA GLU A 445 33.96 -34.29 -19.57
C GLU A 445 33.05 -33.15 -19.12
N TRP A 446 31.99 -33.48 -18.38
CA TRP A 446 30.97 -32.51 -18.01
C TRP A 446 31.53 -31.49 -17.02
N PHE A 447 32.16 -31.96 -15.95
CA PHE A 447 32.73 -31.02 -15.00
C PHE A 447 33.95 -30.31 -15.56
N ASP A 448 34.61 -30.87 -16.58
CA ASP A 448 35.71 -30.10 -17.17
C ASP A 448 35.17 -28.93 -17.99
N ALA A 449 34.11 -29.15 -18.78
CA ALA A 449 33.45 -28.04 -19.44
C ALA A 449 32.98 -26.99 -18.44
N ILE A 450 32.45 -27.43 -17.30
CA ILE A 450 31.97 -26.50 -16.30
C ILE A 450 33.14 -25.75 -15.66
N LYS A 451 34.22 -26.46 -15.30
CA LYS A 451 35.38 -25.75 -14.78
C LYS A 451 35.93 -24.75 -15.79
N GLY A 452 35.80 -25.05 -17.08
CA GLY A 452 36.17 -24.11 -18.10
C GLY A 452 35.37 -22.82 -17.99
N TRP A 453 34.03 -22.96 -18.06
CA TRP A 453 33.15 -21.80 -17.93
C TRP A 453 33.42 -21.03 -16.64
N LYS A 454 33.64 -21.75 -15.54
CA LYS A 454 33.91 -21.07 -14.28
C LYS A 454 35.21 -20.28 -14.35
N LYS A 455 36.23 -20.82 -15.02
CA LYS A 455 37.49 -20.08 -15.17
C LYS A 455 37.32 -18.87 -16.10
N LYS A 456 36.52 -19.03 -17.16
CA LYS A 456 36.38 -17.98 -18.18
C LYS A 456 35.43 -16.87 -17.75
N TYR A 457 34.39 -17.18 -16.99
CA TYR A 457 33.39 -16.19 -16.57
C TYR A 457 33.26 -16.13 -15.05
N PRO A 458 34.32 -15.81 -14.33
CA PRO A 458 34.22 -15.76 -12.87
C PRO A 458 33.39 -14.55 -12.42
N LEU A 459 32.42 -14.82 -11.53
CA LEU A 459 31.64 -13.75 -10.92
C LEU A 459 32.49 -12.64 -10.30
N SER A 460 33.70 -12.99 -9.82
CA SER A 460 34.58 -12.01 -9.19
C SER A 460 35.20 -11.02 -10.18
N HIS A 461 35.01 -11.22 -11.48
CA HIS A 461 35.57 -10.32 -12.48
C HIS A 461 34.59 -9.18 -12.75
N TYR A 462 34.78 -8.07 -12.04
CA TYR A 462 33.98 -6.84 -12.15
C TYR A 462 34.90 -5.67 -11.83
N GLN A 463 34.50 -4.45 -12.26
CA GLN A 463 35.36 -3.29 -12.05
C GLN A 463 35.62 -3.07 -10.57
N ARG A 464 36.87 -3.19 -10.16
CA ARG A 464 37.17 -3.23 -8.73
C ARG A 464 37.85 -1.96 -8.23
N THR A 468 39.82 2.31 -7.37
CA THR A 468 39.55 3.73 -7.24
C THR A 468 39.20 4.01 -5.78
N GLY A 469 38.53 5.15 -5.54
CA GLY A 469 38.14 5.56 -4.20
C GLY A 469 36.67 5.40 -3.83
N LEU A 470 35.81 4.99 -4.75
CA LEU A 470 34.40 4.78 -4.43
C LEU A 470 34.12 3.30 -4.20
N ILE A 471 33.34 3.00 -3.15
CA ILE A 471 33.09 1.61 -2.80
C ILE A 471 32.27 0.92 -3.89
N LYS A 472 32.72 -0.29 -4.28
CA LYS A 472 31.99 -1.05 -5.28
C LYS A 472 30.91 -1.92 -4.60
N PRO A 473 29.66 -1.83 -5.06
CA PRO A 473 28.59 -2.58 -4.39
C PRO A 473 28.80 -4.09 -4.38
N GLN A 474 29.37 -4.65 -5.46
CA GLN A 474 29.69 -6.07 -5.44
C GLN A 474 30.56 -6.45 -4.26
N THR A 475 31.48 -5.57 -3.87
CA THR A 475 32.47 -5.85 -2.83
C THR A 475 31.84 -5.82 -1.45
N VAL A 476 30.86 -4.94 -1.24
CA VAL A 476 30.05 -4.99 -0.02
C VAL A 476 29.52 -6.40 0.21
N MET A 477 29.01 -7.05 -0.84
CA MET A 477 28.36 -8.34 -0.66
C MET A 477 29.37 -9.41 -0.32
N GLU A 478 30.49 -9.43 -1.07
CA GLU A 478 31.57 -10.39 -0.80
C GLU A 478 32.06 -10.27 0.63
N GLU A 479 32.16 -9.06 1.14
CA GLU A 479 32.67 -8.91 2.50
C GLU A 479 31.67 -9.40 3.53
N ILE A 480 30.37 -9.16 3.30
CA ILE A 480 29.35 -9.70 4.21
C ILE A 480 29.41 -11.22 4.22
N SER A 481 29.63 -11.82 3.05
CA SER A 481 29.76 -13.27 2.95
C SER A 481 30.99 -13.78 3.69
N ASN A 482 32.15 -13.11 3.53
CA ASN A 482 33.37 -13.49 4.25
C ASN A 482 33.20 -13.32 5.76
N LEU A 483 32.65 -12.18 6.19
CA LEU A 483 32.52 -11.89 7.61
C LEU A 483 31.51 -12.80 8.32
N THR A 484 30.65 -13.52 7.60
CA THR A 484 29.72 -14.41 8.27
C THR A 484 30.08 -15.88 8.03
N ALA A 485 31.33 -16.12 7.64
CA ALA A 485 31.79 -17.45 7.25
C ALA A 485 31.46 -18.52 8.28
N ASP A 486 31.55 -18.17 9.56
CA ASP A 486 31.37 -19.13 10.63
C ASP A 486 29.94 -19.24 11.12
N ARG A 487 29.03 -18.40 10.62
CA ARG A 487 27.65 -18.47 11.09
C ARG A 487 26.62 -18.42 9.94
N LYS A 488 26.92 -19.00 8.80
CA LYS A 488 25.94 -19.02 7.72
C LYS A 488 24.68 -19.76 8.12
N ASP A 489 24.75 -20.65 9.11
CA ASP A 489 23.57 -21.39 9.52
C ASP A 489 22.62 -20.56 10.37
N LYS A 490 23.01 -19.34 10.76
CA LYS A 490 22.21 -18.44 11.58
C LYS A 490 22.20 -17.02 11.00
N THR A 491 22.28 -16.89 9.69
CA THR A 491 22.36 -15.59 9.04
C THR A 491 21.28 -15.53 7.99
N TYR A 492 20.44 -14.49 8.07
CA TYR A 492 19.35 -14.27 7.12
C TYR A 492 19.56 -12.95 6.40
N ILE A 493 19.40 -12.96 5.07
CA ILE A 493 19.58 -11.78 4.25
C ILE A 493 18.22 -11.43 3.67
N ALA A 494 17.71 -10.25 4.01
CA ALA A 494 16.59 -9.66 3.31
C ALA A 494 17.10 -8.57 2.38
N THR A 495 16.37 -8.29 1.30
CA THR A 495 16.83 -7.30 0.33
C THR A 495 15.65 -6.46 -0.11
N GLY A 496 15.97 -5.30 -0.70
CA GLY A 496 15.03 -4.56 -1.53
C GLY A 496 14.99 -5.16 -2.92
N VAL A 497 14.60 -4.35 -3.87
CA VAL A 497 14.50 -4.78 -5.26
C VAL A 497 15.35 -3.85 -6.13
N GLY A 498 16.20 -4.43 -6.96
CA GLY A 498 17.03 -3.67 -7.85
C GLY A 498 18.38 -4.28 -8.00
N GLN A 499 19.37 -3.45 -8.34
CA GLN A 499 20.72 -3.95 -8.55
C GLN A 499 21.30 -4.60 -7.29
N HIS A 500 21.23 -3.91 -6.14
CA HIS A 500 21.73 -4.52 -4.90
C HIS A 500 21.16 -5.93 -4.69
N GLN A 501 19.93 -6.18 -5.12
CA GLN A 501 19.32 -7.50 -4.96
C GLN A 501 20.01 -8.54 -5.83
N MET A 502 20.33 -8.17 -7.07
CA MET A 502 21.09 -9.08 -7.92
C MET A 502 22.50 -9.25 -7.40
N TRP A 503 23.12 -8.18 -6.90
CA TRP A 503 24.49 -8.31 -6.46
C TRP A 503 24.59 -9.22 -5.25
N VAL A 504 23.65 -9.13 -4.30
CA VAL A 504 23.80 -9.99 -3.15
C VAL A 504 23.52 -11.43 -3.55
N ALA A 505 22.59 -11.65 -4.49
CA ALA A 505 22.37 -13.01 -4.99
C ALA A 505 23.64 -13.58 -5.59
N GLN A 506 24.39 -12.74 -6.32
CA GLN A 506 25.56 -13.18 -7.08
C GLN A 506 26.81 -13.37 -6.22
N HIS A 507 27.06 -12.50 -5.22
CA HIS A 507 28.35 -12.44 -4.54
C HIS A 507 28.33 -12.84 -3.08
N PHE A 508 27.16 -12.99 -2.48
CA PHE A 508 27.07 -13.70 -1.22
C PHE A 508 27.04 -15.18 -1.56
N ARG A 509 27.75 -15.99 -0.79
CA ARG A 509 27.80 -17.43 -1.08
C ARG A 509 26.78 -18.14 -0.21
N TRP A 510 25.71 -18.62 -0.85
CA TRP A 510 24.51 -19.06 -0.15
C TRP A 510 24.68 -20.50 0.32
N ARG A 511 24.34 -20.74 1.57
CA ARG A 511 24.63 -22.04 2.18
C ARG A 511 23.49 -22.60 3.03
N HIS A 512 22.55 -21.80 3.47
CA HIS A 512 21.58 -22.24 4.45
C HIS A 512 20.17 -22.04 3.91
N PRO A 513 19.33 -23.06 3.94
CA PRO A 513 17.95 -22.90 3.45
C PRO A 513 17.20 -21.84 4.22
N ARG A 514 16.48 -21.00 3.49
CA ARG A 514 15.65 -19.88 3.93
C ARG A 514 16.49 -18.66 4.28
N SER A 515 17.81 -18.66 4.06
CA SER A 515 18.58 -17.46 4.34
C SER A 515 18.31 -16.33 3.34
N MET A 516 17.82 -16.64 2.14
CA MET A 516 17.50 -15.60 1.16
C MET A 516 16.05 -15.18 1.32
N ILE A 517 15.81 -13.91 1.66
CA ILE A 517 14.48 -13.40 1.94
C ILE A 517 14.28 -12.20 1.02
N THR A 518 13.62 -12.41 -0.11
CA THR A 518 13.58 -11.39 -1.16
C THR A 518 12.29 -11.51 -1.95
N SER A 519 11.86 -10.38 -2.50
CA SER A 519 10.64 -10.33 -3.30
C SER A 519 11.02 -10.56 -4.76
N GLY A 520 10.71 -11.75 -5.27
CA GLY A 520 11.15 -12.11 -6.60
C GLY A 520 10.10 -12.01 -7.69
N GLY A 521 8.93 -12.63 -7.46
CA GLY A 521 7.84 -12.65 -8.41
C GLY A 521 7.25 -11.28 -8.66
N LEU A 522 6.64 -10.66 -7.64
CA LEU A 522 6.15 -9.31 -7.82
C LEU A 522 7.30 -8.30 -7.83
N GLY A 523 8.24 -8.39 -6.89
CA GLY A 523 9.38 -7.52 -6.93
C GLY A 523 9.07 -6.19 -6.26
N THR A 524 8.55 -6.24 -5.05
CA THR A 524 8.10 -5.04 -4.35
C THR A 524 9.28 -4.33 -3.71
N MET A 525 9.63 -3.13 -4.19
CA MET A 525 10.52 -2.25 -3.44
C MET A 525 9.92 -1.91 -2.08
N GLY A 526 10.77 -1.80 -1.05
CA GLY A 526 10.29 -1.58 0.31
C GLY A 526 10.08 -2.85 1.11
N TYR A 527 10.12 -4.02 0.45
CA TYR A 527 10.00 -5.31 1.13
C TYR A 527 11.06 -5.52 2.20
N GLY A 528 12.31 -5.13 1.92
CA GLY A 528 13.46 -5.63 2.68
C GLY A 528 13.43 -5.31 4.16
N LEU A 529 13.26 -4.03 4.49
CA LEU A 529 13.29 -3.64 5.91
C LEU A 529 12.17 -4.30 6.71
N PRO A 530 10.88 -4.16 6.37
CA PRO A 530 9.84 -4.92 7.10
C PRO A 530 10.04 -6.44 7.08
N ALA A 531 10.41 -7.02 5.94
CA ALA A 531 10.65 -8.47 5.92
C ALA A 531 11.79 -8.86 6.87
N ALA A 532 12.86 -8.06 6.93
CA ALA A 532 13.94 -8.38 7.89
C ALA A 532 13.45 -8.33 9.33
N ILE A 533 12.66 -7.30 9.68
CA ILE A 533 12.07 -7.23 11.01
C ILE A 533 11.26 -8.48 11.30
N GLY A 534 10.42 -8.90 10.34
CA GLY A 534 9.71 -10.16 10.51
C GLY A 534 10.63 -11.36 10.68
N ALA A 535 11.67 -11.47 9.85
CA ALA A 535 12.61 -12.58 9.98
C ALA A 535 13.28 -12.60 11.35
N LYS A 536 13.72 -11.42 11.83
CA LYS A 536 14.33 -11.31 13.15
C LYS A 536 13.36 -11.70 14.26
N VAL A 537 12.07 -11.33 14.12
CA VAL A 537 11.08 -11.77 15.09
C VAL A 537 11.00 -13.29 15.10
N ALA A 538 11.04 -13.91 13.91
CA ALA A 538 11.00 -15.37 13.78
C ALA A 538 12.27 -16.05 14.26
N GLN A 539 13.43 -15.41 14.10
CA GLN A 539 14.70 -16.00 14.51
C GLN A 539 15.42 -15.03 15.44
N PRO A 540 14.95 -14.90 16.67
CA PRO A 540 15.50 -13.84 17.56
C PRO A 540 16.99 -13.98 17.84
N ASP A 541 17.56 -15.17 17.73
CA ASP A 541 18.99 -15.37 17.98
C ASP A 541 19.82 -15.44 16.69
N ALA A 542 19.23 -15.16 15.54
CA ALA A 542 19.94 -15.19 14.28
C ALA A 542 20.44 -13.79 13.93
N LEU A 543 21.48 -13.75 13.12
CA LEU A 543 21.89 -12.51 12.48
C LEU A 543 20.99 -12.27 11.28
N VAL A 544 20.27 -11.15 11.26
CA VAL A 544 19.37 -10.82 10.16
C VAL A 544 19.80 -9.48 9.58
N ILE A 545 20.13 -9.46 8.29
CA ILE A 545 20.65 -8.27 7.63
C ILE A 545 19.70 -7.89 6.51
N ASP A 546 19.31 -6.62 6.47
CA ASP A 546 18.56 -6.02 5.37
C ASP A 546 19.55 -5.29 4.46
N VAL A 547 19.88 -5.89 3.32
CA VAL A 547 20.69 -5.28 2.29
C VAL A 547 19.74 -4.55 1.33
N ASP A 548 19.83 -3.22 1.28
CA ASP A 548 18.76 -2.38 0.75
C ASP A 548 19.32 -1.27 -0.11
N GLY A 549 18.80 -1.13 -1.31
CA GLY A 549 19.05 0.08 -2.07
C GLY A 549 18.34 1.28 -1.47
N ASP A 550 18.82 2.48 -1.83
CA ASP A 550 18.31 3.67 -1.18
C ASP A 550 16.88 4.00 -1.60
N ALA A 551 16.53 3.80 -2.87
CA ALA A 551 15.14 4.04 -3.26
C ALA A 551 14.19 2.98 -2.65
N SER A 552 14.60 1.71 -2.61
CA SER A 552 13.80 0.69 -1.92
C SER A 552 13.61 1.07 -0.45
N PHE A 553 14.70 1.44 0.22
CA PHE A 553 14.67 1.80 1.63
C PHE A 553 13.77 2.99 1.87
N ASN A 554 13.85 4.01 0.99
CA ASN A 554 13.04 5.20 1.17
C ASN A 554 11.55 4.90 1.13
N MET A 555 11.13 3.79 0.52
CA MET A 555 9.71 3.50 0.47
C MET A 555 9.12 3.19 1.84
N THR A 556 9.88 2.50 2.70
CA THR A 556 9.28 2.02 3.95
C THR A 556 10.19 2.27 5.17
N LEU A 557 11.00 3.33 5.11
CA LEU A 557 11.96 3.55 6.17
C LEU A 557 11.28 3.90 7.48
N THR A 558 10.02 4.35 7.45
CA THR A 558 9.33 4.60 8.70
C THR A 558 9.31 3.38 9.61
N GLU A 559 9.45 2.17 9.05
CA GLU A 559 9.43 0.97 9.89
C GLU A 559 10.65 0.85 10.78
N LEU A 560 11.66 1.71 10.61
CA LEU A 560 12.73 1.76 11.59
C LEU A 560 12.17 2.01 12.98
N SER A 561 11.08 2.77 13.10
CA SER A 561 10.51 3.00 14.43
C SER A 561 9.97 1.70 15.03
N THR A 562 9.57 0.75 14.18
CA THR A 562 9.11 -0.52 14.71
C THR A 562 10.28 -1.29 15.32
N ALA A 563 11.42 -1.31 14.62
CA ALA A 563 12.59 -2.01 15.14
C ALA A 563 13.06 -1.39 16.45
N ALA A 564 12.94 -0.07 16.57
CA ALA A 564 13.36 0.61 17.79
C ALA A 564 12.36 0.37 18.92
N GLN A 565 11.07 0.57 18.65
CA GLN A 565 10.06 0.40 19.70
C GLN A 565 10.12 -0.99 20.30
N PHE A 566 10.27 -2.03 19.48
CA PHE A 566 10.25 -3.40 19.95
C PHE A 566 11.65 -3.98 20.08
N ASN A 567 12.69 -3.19 19.90
CA ASN A 567 14.06 -3.63 20.09
C ASN A 567 14.34 -4.90 19.28
N ILE A 568 14.09 -4.81 17.99
CA ILE A 568 14.28 -5.95 17.09
C ILE A 568 15.60 -5.70 16.37
N GLY A 569 16.63 -6.46 16.73
CA GLY A 569 17.97 -6.13 16.28
C GLY A 569 18.31 -6.44 14.84
N VAL A 570 17.54 -5.91 13.88
CA VAL A 570 17.92 -6.06 12.47
C VAL A 570 19.13 -5.19 12.19
N LYS A 571 19.96 -5.64 11.27
CA LYS A 571 21.08 -4.84 10.74
C LYS A 571 20.71 -4.37 9.34
N VAL A 572 20.80 -3.07 9.11
CA VAL A 572 20.43 -2.50 7.82
C VAL A 572 21.70 -2.01 7.13
N VAL A 573 21.85 -2.37 5.86
CA VAL A 573 22.91 -1.86 5.00
C VAL A 573 22.21 -1.12 3.86
N VAL A 574 22.26 0.21 3.88
CA VAL A 574 21.69 0.99 2.79
C VAL A 574 22.79 1.27 1.77
N LEU A 575 22.59 0.88 0.52
CA LEU A 575 23.53 1.24 -0.53
C LEU A 575 23.09 2.58 -1.10
N ASN A 576 23.93 3.58 -0.89
CA ASN A 576 23.61 4.96 -1.24
C ASN A 576 24.30 5.29 -2.56
N ASN A 577 23.58 5.11 -3.67
CA ASN A 577 24.06 5.60 -4.96
C ASN A 577 23.20 6.72 -5.54
N GLU A 578 22.22 7.22 -4.79
CA GLU A 578 21.32 8.30 -5.21
C GLU A 578 20.58 8.02 -6.52
N GLU A 579 20.48 6.77 -6.97
CA GLU A 579 19.76 6.47 -8.21
C GLU A 579 18.86 5.25 -8.00
N GLN A 580 17.85 5.14 -8.85
CA GLN A 580 17.16 3.87 -9.04
C GLN A 580 18.04 3.05 -9.95
N GLY A 581 19.03 2.35 -9.36
CA GLY A 581 20.12 1.82 -10.17
C GLY A 581 19.66 0.90 -11.28
N MET A 582 18.67 0.04 -10.97
CA MET A 582 18.21 -0.92 -11.96
C MET A 582 17.56 -0.24 -13.14
N VAL A 583 16.82 0.85 -12.89
CA VAL A 583 16.20 1.56 -14.00
C VAL A 583 17.25 2.33 -14.82
N THR A 584 18.24 2.97 -14.16
CA THR A 584 19.28 3.65 -14.93
C THR A 584 20.11 2.67 -15.75
N GLN A 585 20.23 1.41 -15.31
CA GLN A 585 20.87 0.42 -16.18
C GLN A 585 20.03 0.16 -17.42
N TRP A 586 18.68 0.09 -17.27
CA TRP A 586 17.81 -0.08 -18.44
C TRP A 586 17.82 1.16 -19.32
N GLN A 587 17.84 2.36 -18.71
CA GLN A 587 17.88 3.59 -19.51
C GLN A 587 19.20 3.75 -20.26
N ASN A 588 20.34 3.41 -19.63
CA ASN A 588 21.59 3.31 -20.38
C ASN A 588 21.45 2.37 -21.56
N LEU A 589 20.93 1.17 -21.32
CA LEU A 589 20.91 0.14 -22.34
C LEU A 589 19.99 0.49 -23.50
N PHE A 590 18.78 0.97 -23.21
CA PHE A 590 17.75 1.08 -24.23
C PHE A 590 17.38 2.51 -24.59
N TYR A 591 17.76 3.51 -23.80
CA TYR A 591 17.33 4.88 -24.05
C TYR A 591 18.51 5.84 -24.00
N GLU A 592 19.69 5.40 -24.41
CA GLU A 592 20.84 6.26 -24.70
C GLU A 592 21.11 7.26 -23.58
N ASP A 593 21.09 6.77 -22.34
CA ASP A 593 21.48 7.55 -21.18
C ASP A 593 20.50 8.71 -20.93
N ARG A 594 19.24 8.54 -21.37
CA ARG A 594 18.17 9.48 -21.03
C ARG A 594 17.58 9.05 -19.69
N TYR A 595 18.08 9.68 -18.62
CA TYR A 595 17.77 9.28 -17.25
C TYR A 595 16.54 10.04 -16.78
N SER A 596 15.37 9.52 -17.17
CA SER A 596 14.10 10.18 -16.90
C SER A 596 13.59 9.78 -15.52
N HIS A 597 13.70 10.70 -14.55
CA HIS A 597 13.07 10.59 -13.23
C HIS A 597 13.55 9.38 -12.43
N THR A 598 14.85 9.10 -12.51
CA THR A 598 15.43 7.96 -11.82
C THR A 598 16.50 8.37 -10.84
N HIS A 599 16.53 9.63 -10.44
CA HIS A 599 17.45 10.08 -9.41
C HIS A 599 16.66 10.76 -8.31
N GLN A 600 17.08 10.57 -7.08
CA GLN A 600 16.38 11.17 -5.95
C GLN A 600 17.39 11.68 -4.96
N ARG A 601 17.04 12.76 -4.29
CA ARG A 601 17.83 13.21 -3.17
C ARG A 601 17.42 12.42 -1.94
N ASN A 602 18.38 11.71 -1.34
CA ASN A 602 18.10 10.97 -0.12
C ASN A 602 18.02 11.91 1.08
N PRO A 603 17.43 11.47 2.18
CA PRO A 603 17.64 12.18 3.45
C PRO A 603 19.02 11.86 3.98
N ASP A 604 19.41 12.57 5.03
CA ASP A 604 20.64 12.21 5.73
C ASP A 604 20.37 10.95 6.56
N PHE A 605 20.97 9.82 6.17
CA PHE A 605 20.61 8.56 6.82
C PHE A 605 21.14 8.48 8.24
N MET A 606 22.24 9.16 8.55
CA MET A 606 22.68 9.19 9.93
C MET A 606 21.73 10.00 10.81
N LYS A 607 21.27 11.14 10.32
CA LYS A 607 20.32 11.91 11.11
C LYS A 607 18.98 11.18 11.24
N LEU A 608 18.56 10.48 10.16
CA LEU A 608 17.34 9.66 10.20
C LEU A 608 17.46 8.55 11.22
N ALA A 609 18.54 7.76 11.14
CA ALA A 609 18.76 6.68 12.10
C ALA A 609 18.73 7.19 13.53
N ASP A 610 19.48 8.27 13.78
CA ASP A 610 19.46 8.97 15.06
C ASP A 610 18.05 9.41 15.43
N ALA A 611 17.31 10.00 14.49
CA ALA A 611 15.92 10.39 14.76
C ALA A 611 15.06 9.20 15.14
N MET A 612 15.36 8.02 14.63
CA MET A 612 14.55 6.86 14.91
C MET A 612 15.04 6.09 16.12
N GLY A 613 16.16 6.50 16.71
CA GLY A 613 16.68 5.79 17.86
C GLY A 613 17.48 4.56 17.50
N ILE A 614 18.15 4.56 16.34
CA ILE A 614 18.92 3.42 15.85
C ILE A 614 20.39 3.82 15.78
N GLN A 615 21.27 3.03 16.38
CA GLN A 615 22.70 3.30 16.27
C GLN A 615 23.11 3.19 14.80
N HIS A 616 24.03 4.07 14.38
CA HIS A 616 24.28 4.28 12.97
C HIS A 616 25.75 4.54 12.70
N GLN A 617 26.12 4.41 11.44
CA GLN A 617 27.47 4.67 10.97
C GLN A 617 27.40 4.80 9.45
N ARG A 618 28.31 5.59 8.89
CA ARG A 618 28.42 5.82 7.45
C ARG A 618 29.82 5.45 7.01
N VAL A 619 29.95 4.84 5.83
CA VAL A 619 31.27 4.49 5.33
C VAL A 619 31.33 4.80 3.84
N ALA A 620 32.41 5.45 3.43
CA ALA A 620 32.61 5.81 2.04
C ALA A 620 33.96 5.39 1.50
N GLU A 621 34.93 5.09 2.36
CA GLU A 621 36.28 4.80 1.91
C GLU A 621 36.47 3.30 1.75
N PRO A 622 36.90 2.82 0.60
CA PRO A 622 37.03 1.36 0.41
C PRO A 622 37.85 0.68 1.49
N ASP A 623 38.86 1.37 2.05
CA ASP A 623 39.73 0.76 3.04
C ASP A 623 39.05 0.56 4.38
N LYS A 624 37.90 1.18 4.60
CA LYS A 624 37.18 1.10 5.87
C LYS A 624 35.94 0.22 5.80
N LEU A 625 35.60 -0.30 4.62
CA LEU A 625 34.36 -1.05 4.45
C LEU A 625 34.29 -2.23 5.41
N VAL A 626 35.35 -3.04 5.45
CA VAL A 626 35.32 -4.24 6.25
C VAL A 626 35.07 -3.90 7.72
N ASP A 627 35.79 -2.92 8.26
CA ASP A 627 35.61 -2.60 9.67
C ASP A 627 34.21 -2.08 9.96
N ALA A 628 33.62 -1.29 9.04
CA ALA A 628 32.23 -0.84 9.24
C ALA A 628 31.25 -2.01 9.26
N LEU A 629 31.40 -2.95 8.31
CA LEU A 629 30.61 -4.18 8.29
C LEU A 629 30.82 -4.99 9.56
N LYS A 630 32.08 -5.16 9.97
CA LYS A 630 32.36 -5.77 11.27
C LYS A 630 31.61 -5.04 12.38
N TRP A 631 31.65 -3.71 12.39
CA TRP A 631 30.93 -2.97 13.42
C TRP A 631 29.44 -3.30 13.38
N LEU A 632 28.83 -3.26 12.20
CA LEU A 632 27.38 -3.50 12.10
C LEU A 632 27.02 -4.89 12.56
N ILE A 633 27.79 -5.87 12.14
CA ILE A 633 27.44 -7.25 12.45
C ILE A 633 27.51 -7.54 13.95
N ASN A 634 28.39 -6.85 14.66
CA ASN A 634 28.62 -7.11 16.08
C ASN A 634 27.86 -6.17 17.03
N THR A 635 27.06 -5.23 16.52
CA THR A 635 26.27 -4.41 17.42
C THR A 635 25.22 -5.26 18.15
N ASP A 636 24.62 -4.66 19.18
CA ASP A 636 23.46 -5.26 19.82
C ASP A 636 22.26 -4.33 19.68
N GLY A 637 21.12 -4.91 19.31
CA GLY A 637 19.95 -4.11 18.97
C GLY A 637 19.98 -3.67 17.53
N PRO A 638 18.94 -2.97 17.10
CA PRO A 638 18.88 -2.53 15.69
C PRO A 638 20.03 -1.59 15.35
N ALA A 639 20.53 -1.69 14.13
CA ALA A 639 21.65 -0.86 13.73
C ALA A 639 21.61 -0.63 12.23
N LEU A 640 22.10 0.52 11.80
CA LEU A 640 22.07 0.87 10.39
C LEU A 640 23.46 1.26 9.91
N LEU A 641 23.87 0.76 8.76
CA LEU A 641 25.11 1.15 8.12
C LEU A 641 24.79 1.71 6.75
N GLU A 642 25.17 2.96 6.51
CA GLU A 642 25.05 3.58 5.20
C GLU A 642 26.36 3.39 4.46
N VAL A 643 26.30 2.79 3.27
CA VAL A 643 27.47 2.58 2.44
C VAL A 643 27.30 3.48 1.22
N VAL A 644 28.18 4.48 1.07
CA VAL A 644 28.24 5.30 -0.14
C VAL A 644 28.98 4.49 -1.20
N THR A 645 28.35 4.30 -2.36
CA THR A 645 28.89 3.41 -3.37
C THR A 645 29.13 4.16 -4.68
N ASP A 646 29.91 3.53 -5.56
CA ASP A 646 29.99 3.93 -6.96
C ASP A 646 28.60 3.93 -7.59
N LYS A 647 28.47 4.66 -8.72
CA LYS A 647 27.22 4.88 -9.42
C LYS A 647 27.33 4.36 -10.85
N LYS A 648 26.16 4.10 -11.47
CA LYS A 648 26.11 3.69 -12.88
C LYS A 648 26.90 2.41 -13.11
N VAL A 649 26.80 1.49 -12.15
CA VAL A 649 27.48 0.20 -12.23
C VAL A 649 26.49 -0.84 -12.76
N PRO A 650 26.69 -1.38 -13.96
CA PRO A 650 25.74 -2.38 -14.46
C PRO A 650 25.85 -3.70 -13.73
N VAL A 651 24.71 -4.37 -13.56
CA VAL A 651 24.70 -5.75 -13.09
C VAL A 651 25.09 -6.66 -14.24
N LEU A 652 26.16 -7.43 -14.05
CA LEU A 652 26.62 -8.38 -15.04
C LEU A 652 26.95 -9.69 -14.34
N PRO A 653 26.73 -10.84 -14.99
CA PRO A 653 26.25 -11.01 -16.36
C PRO A 653 24.79 -10.63 -16.52
N MET A 654 24.36 -10.50 -17.77
CA MET A 654 22.99 -10.12 -18.06
C MET A 654 22.55 -10.78 -19.36
N VAL A 655 21.43 -11.48 -19.30
CA VAL A 655 20.72 -11.96 -20.48
C VAL A 655 19.60 -10.95 -20.74
N PRO A 656 19.75 -10.06 -21.72
CA PRO A 656 18.73 -9.03 -21.93
C PRO A 656 17.48 -9.60 -22.60
N ALA A 657 16.37 -8.88 -22.40
CA ALA A 657 15.11 -9.30 -23.00
C ALA A 657 15.29 -9.59 -24.49
N GLY A 658 14.68 -10.68 -24.94
CA GLY A 658 14.84 -11.12 -26.31
C GLY A 658 16.09 -11.93 -26.59
N SER A 659 16.96 -12.15 -25.62
CA SER A 659 18.12 -13.00 -25.84
C SER A 659 17.87 -14.37 -25.21
N ALA A 660 18.63 -15.35 -25.73
CA ALA A 660 18.60 -16.70 -25.17
C ALA A 660 19.54 -16.78 -23.96
N LEU A 661 19.34 -17.82 -23.16
CA LEU A 661 20.03 -17.93 -21.88
C LEU A 661 21.55 -17.94 -22.04
N HIS A 662 22.07 -18.54 -23.12
CA HIS A 662 23.52 -18.54 -23.36
C HIS A 662 24.03 -17.26 -24.04
N GLU A 663 23.16 -16.30 -24.36
CA GLU A 663 23.56 -15.08 -25.05
C GLU A 663 23.76 -13.93 -24.08
N PHE A 664 24.60 -14.15 -23.08
CA PHE A 664 24.73 -13.14 -22.03
C PHE A 664 25.85 -12.15 -22.33
N LEU A 665 25.74 -10.97 -21.73
CA LEU A 665 26.80 -9.99 -21.69
C LEU A 665 27.61 -10.17 -20.41
N VAL A 666 28.93 -10.04 -20.52
CA VAL A 666 29.80 -10.15 -19.36
C VAL A 666 30.59 -8.87 -19.22
N PHE A 667 31.24 -8.74 -18.07
CA PHE A 667 32.06 -7.58 -17.82
C PHE A 667 33.24 -7.57 -18.77
N ASP A 668 33.48 -6.42 -19.39
CA ASP A 668 34.68 -6.17 -20.15
C ASP A 668 35.21 -4.79 -19.75
N PRO A 669 36.43 -4.69 -19.23
CA PRO A 669 36.92 -3.37 -18.76
C PRO A 669 36.95 -2.32 -19.85
N GLU A 670 37.26 -2.69 -21.09
CA GLU A 670 37.29 -1.69 -22.14
C GLU A 670 35.89 -1.26 -22.55
N LYS A 671 34.96 -2.22 -22.68
CA LYS A 671 33.59 -1.84 -23.01
C LYS A 671 32.98 -0.99 -21.90
N ASP A 672 33.31 -1.28 -20.64
CA ASP A 672 32.84 -0.45 -19.54
C ASP A 672 33.39 0.98 -19.67
N LYS A 673 34.66 1.12 -20.09
CA LYS A 673 35.23 2.45 -20.25
C LYS A 673 34.53 3.20 -21.36
N GLN A 674 34.35 2.58 -22.52
CA GLN A 674 33.59 3.22 -23.58
C GLN A 674 32.20 3.63 -23.11
N ARG A 675 31.51 2.75 -22.37
CA ARG A 675 30.15 3.06 -21.93
C ARG A 675 30.14 4.31 -21.06
N ARG A 676 31.08 4.39 -20.11
CA ARG A 676 31.12 5.53 -19.20
C ARG A 676 31.53 6.79 -19.95
N GLU A 677 32.40 6.64 -20.95
CA GLU A 677 32.81 7.78 -21.76
C GLU A 677 31.62 8.35 -22.53
N LEU A 678 30.85 7.48 -23.21
CA LEU A 678 29.67 7.92 -23.96
C LEU A 678 28.61 8.52 -23.05
N MET A 679 28.39 7.90 -21.89
CA MET A 679 27.44 8.43 -20.92
C MET A 679 27.86 9.81 -20.42
N LYS A 680 29.16 10.00 -20.16
CA LYS A 680 29.61 11.31 -19.68
C LYS A 680 29.39 12.38 -20.73
N GLU A 681 29.60 12.05 -22.00
CA GLU A 681 29.36 13.01 -23.08
C GLU A 681 27.89 13.41 -23.14
N ARG A 682 27.02 12.42 -23.35
CA ARG A 682 25.59 12.69 -23.54
C ARG A 682 24.98 13.45 -22.36
N THR A 683 25.43 13.15 -21.13
CA THR A 683 24.92 13.86 -19.97
C THR A 683 25.72 15.11 -19.65
N LYS A 684 26.65 15.50 -20.53
CA LYS A 684 27.42 16.74 -20.39
C LYS A 684 28.14 16.77 -19.04
N GLY A 685 28.75 15.64 -18.69
CA GLY A 685 29.51 15.50 -17.47
C GLY A 685 28.72 15.23 -16.20
N VAL A 686 27.39 15.31 -16.24
CA VAL A 686 26.62 15.07 -15.03
C VAL A 686 26.80 13.61 -14.53
N HIS A 687 26.84 12.64 -15.44
CA HIS A 687 26.99 11.23 -15.03
C HIS A 687 28.27 10.64 -15.62
N SER A 688 29.22 10.29 -14.75
CA SER A 688 30.58 9.90 -15.16
C SER A 688 30.85 8.40 -15.06
N MET B 80 -10.51 12.62 -38.88
CA MET B 80 -9.45 11.65 -39.03
C MET B 80 -8.10 12.32 -38.76
N ASP B 81 -7.46 11.95 -37.66
CA ASP B 81 -6.22 12.59 -37.23
C ASP B 81 -5.00 11.90 -37.80
N GLU B 82 -3.97 12.71 -38.09
CA GLU B 82 -2.75 12.22 -38.71
C GLU B 82 -1.50 12.82 -38.07
N SER B 83 -1.64 13.71 -37.09
CA SER B 83 -0.53 14.28 -36.32
C SER B 83 0.11 13.28 -35.36
N PHE B 84 -0.17 11.98 -35.52
CA PHE B 84 0.38 10.95 -34.67
C PHE B 84 1.18 9.90 -35.40
N ILE B 85 1.16 9.90 -36.73
CA ILE B 85 1.93 8.92 -37.49
C ILE B 85 3.42 9.13 -37.23
N GLY B 86 4.15 8.02 -37.10
CA GLY B 86 5.56 8.08 -36.81
C GLY B 86 5.92 8.25 -35.35
N LYS B 87 4.93 8.48 -34.47
CA LYS B 87 5.17 8.65 -33.04
C LYS B 87 4.87 7.36 -32.30
N SER B 88 5.56 7.16 -31.17
CA SER B 88 5.34 5.98 -30.34
C SER B 88 4.19 6.24 -29.37
N GLY B 89 3.66 5.14 -28.80
CA GLY B 89 2.59 5.28 -27.83
C GLY B 89 2.95 6.18 -26.67
N GLY B 90 4.18 6.07 -26.18
CA GLY B 90 4.65 7.04 -25.21
C GLY B 90 4.61 8.45 -25.74
N GLU B 91 5.01 8.65 -26.99
CA GLU B 91 5.00 10.00 -27.55
C GLU B 91 3.57 10.51 -27.76
N ILE B 92 2.67 9.62 -28.17
CA ILE B 92 1.25 9.97 -28.25
C ILE B 92 0.72 10.30 -26.86
N PHE B 93 1.09 9.49 -25.86
CA PHE B 93 0.64 9.77 -24.50
C PHE B 93 1.10 11.14 -24.05
N HIS B 94 2.32 11.52 -24.43
CA HIS B 94 2.85 12.82 -24.09
C HIS B 94 2.02 13.93 -24.73
N GLU B 95 1.66 13.75 -26.01
CA GLU B 95 0.81 14.74 -26.68
C GLU B 95 -0.55 14.87 -26.00
N MET B 96 -1.16 13.74 -25.61
CA MET B 96 -2.49 13.80 -25.01
C MET B 96 -2.50 14.53 -23.67
N MET B 97 -1.39 14.48 -22.91
CA MET B 97 -1.36 15.24 -21.67
C MET B 97 -1.44 16.74 -21.95
N LEU B 98 -0.81 17.17 -23.05
CA LEU B 98 -0.90 18.55 -23.46
C LEU B 98 -2.34 18.90 -23.85
N ARG B 99 -2.93 18.13 -24.78
CA ARG B 99 -4.32 18.37 -25.16
C ARG B 99 -5.29 18.35 -23.97
N GLN B 100 -4.96 17.62 -22.92
CA GLN B 100 -5.85 17.58 -21.76
C GLN B 100 -5.54 18.68 -20.75
N GLY B 101 -4.55 19.52 -21.00
CA GLY B 101 -4.26 20.57 -20.03
C GLY B 101 -3.59 20.10 -18.76
N VAL B 102 -3.02 18.89 -18.77
CA VAL B 102 -2.34 18.36 -17.58
C VAL B 102 -1.07 19.19 -17.36
N LYS B 103 -1.00 19.86 -16.22
CA LYS B 103 0.17 20.66 -15.89
C LYS B 103 1.09 19.98 -14.88
N HIS B 104 0.59 18.97 -14.17
CA HIS B 104 1.39 18.25 -13.20
C HIS B 104 1.10 16.75 -13.29
N ILE B 105 2.14 15.95 -13.10
CA ILE B 105 2.00 14.50 -13.06
C ILE B 105 2.78 13.97 -11.87
N PHE B 106 2.21 12.99 -11.18
CA PHE B 106 2.83 12.34 -10.05
C PHE B 106 3.11 10.90 -10.42
N GLY B 107 4.32 10.42 -10.16
CA GLY B 107 4.57 9.06 -10.60
C GLY B 107 5.95 8.54 -10.28
N TYR B 108 6.19 7.28 -10.74
CA TYR B 108 7.37 6.52 -10.37
C TYR B 108 7.69 5.51 -11.47
N PRO B 109 8.93 5.46 -11.97
CA PRO B 109 9.21 4.59 -13.11
C PRO B 109 9.43 3.12 -12.73
N GLY B 110 9.45 2.31 -13.77
CA GLY B 110 9.75 0.89 -13.69
C GLY B 110 9.79 0.33 -15.10
N GLY B 111 10.09 -0.96 -15.19
CA GLY B 111 10.34 -1.55 -16.50
C GLY B 111 9.21 -1.36 -17.49
N ALA B 112 7.99 -1.70 -17.09
CA ALA B 112 6.91 -1.80 -18.06
C ALA B 112 6.47 -0.43 -18.57
N ILE B 113 6.65 0.61 -17.77
CA ILE B 113 6.22 1.96 -18.09
C ILE B 113 7.37 2.80 -18.66
N LEU B 114 8.54 2.18 -18.87
CA LEU B 114 9.70 2.93 -19.35
C LEU B 114 9.50 3.64 -20.68
N PRO B 115 8.78 3.11 -21.68
CA PRO B 115 8.58 3.91 -22.90
C PRO B 115 7.89 5.22 -22.65
N VAL B 116 6.96 5.29 -21.70
CA VAL B 116 6.33 6.56 -21.39
C VAL B 116 7.33 7.51 -20.73
N PHE B 117 8.16 6.98 -19.83
CA PHE B 117 9.15 7.86 -19.20
C PHE B 117 10.18 8.36 -20.20
N ASP B 118 10.50 7.60 -21.25
CA ASP B 118 11.38 8.16 -22.27
C ASP B 118 10.72 9.33 -22.98
N ALA B 119 9.44 9.18 -23.34
CA ALA B 119 8.75 10.25 -24.06
C ALA B 119 8.64 11.52 -23.24
N ILE B 120 8.44 11.41 -21.92
CA ILE B 120 8.19 12.63 -21.14
C ILE B 120 9.47 13.21 -20.59
N TYR B 121 10.61 12.69 -21.08
CA TYR B 121 11.92 13.07 -20.55
C TYR B 121 12.18 14.55 -20.78
N ASN B 122 12.45 15.28 -19.70
CA ASN B 122 12.73 16.70 -19.74
C ASN B 122 11.59 17.52 -20.38
N SER B 123 10.37 16.98 -20.34
CA SER B 123 9.20 17.68 -20.84
C SER B 123 9.11 19.10 -20.30
N LYS B 124 8.57 20.00 -21.15
CA LYS B 124 8.21 21.35 -20.77
C LYS B 124 6.71 21.52 -20.57
N HIS B 125 5.90 20.52 -20.94
CA HIS B 125 4.44 20.65 -20.89
C HIS B 125 3.93 20.61 -19.45
N PHE B 126 4.62 19.91 -18.56
CA PHE B 126 4.14 19.74 -17.19
C PHE B 126 5.33 19.56 -16.29
N ASP B 127 5.10 19.74 -15.00
CA ASP B 127 6.07 19.37 -13.99
C ASP B 127 5.79 17.95 -13.51
N PHE B 128 6.84 17.19 -13.29
CA PHE B 128 6.74 15.81 -12.83
C PHE B 128 7.20 15.75 -11.39
N ILE B 129 6.36 15.21 -10.50
CA ILE B 129 6.75 15.02 -9.11
C ILE B 129 7.02 13.55 -8.90
N LEU B 130 8.24 13.23 -8.44
CA LEU B 130 8.68 11.88 -8.13
C LEU B 130 8.62 11.70 -6.62
N PRO B 131 7.71 10.92 -6.11
CA PRO B 131 7.62 10.75 -4.65
C PRO B 131 8.56 9.66 -4.14
N ARG B 132 8.47 9.32 -2.87
CA ARG B 132 9.21 8.17 -2.37
C ARG B 132 8.44 6.87 -2.52
N HIS B 133 7.13 6.90 -2.70
CA HIS B 133 6.30 5.71 -2.69
C HIS B 133 5.06 5.99 -3.54
N GLU B 134 4.59 4.99 -4.29
CA GLU B 134 3.42 5.20 -5.15
C GLU B 134 2.16 5.60 -4.37
N GLN B 135 2.01 5.14 -3.13
CA GLN B 135 0.85 5.59 -2.34
C GLN B 135 0.92 7.10 -2.11
N GLY B 136 2.12 7.64 -1.91
CA GLY B 136 2.29 9.09 -1.89
C GLY B 136 1.93 9.75 -3.22
N ALA B 137 2.37 9.13 -4.33
CA ALA B 137 1.97 9.65 -5.63
C ALA B 137 0.45 9.70 -5.74
N GLY B 138 -0.23 8.66 -5.26
CA GLY B 138 -1.68 8.61 -5.37
C GLY B 138 -2.36 9.68 -4.53
N HIS B 139 -1.96 9.79 -3.26
CA HIS B 139 -2.56 10.81 -2.40
C HIS B 139 -2.18 12.24 -2.83
N MET B 140 -0.98 12.43 -3.39
CA MET B 140 -0.62 13.76 -3.91
C MET B 140 -1.57 14.16 -5.03
N ALA B 141 -1.87 13.22 -5.93
CA ALA B 141 -2.82 13.54 -6.98
C ALA B 141 -4.19 13.87 -6.39
N GLU B 142 -4.56 13.20 -5.30
CA GLU B 142 -5.85 13.51 -4.68
C GLU B 142 -5.88 14.92 -4.13
N GLY B 143 -4.84 15.32 -3.40
CA GLY B 143 -4.81 16.66 -2.83
C GLY B 143 -4.73 17.73 -3.91
N TYR B 144 -4.03 17.44 -5.00
CA TYR B 144 -3.99 18.34 -6.13
C TYR B 144 -5.39 18.53 -6.73
N ALA B 145 -6.15 17.43 -6.84
CA ALA B 145 -7.53 17.54 -7.36
C ALA B 145 -8.44 18.26 -6.37
N ARG B 146 -8.32 17.94 -5.08
CA ARG B 146 -9.19 18.57 -4.08
C ARG B 146 -8.98 20.09 -4.03
N ALA B 147 -7.76 20.55 -4.24
CA ALA B 147 -7.47 21.97 -4.13
C ALA B 147 -7.78 22.74 -5.41
N SER B 148 -7.82 22.06 -6.55
CA SER B 148 -7.86 22.71 -7.84
C SER B 148 -9.10 22.42 -8.65
N GLY B 149 -9.85 21.37 -8.32
CA GLY B 149 -10.91 20.88 -9.19
C GLY B 149 -10.44 20.31 -10.51
N LYS B 150 -9.12 20.22 -10.75
CA LYS B 150 -8.58 19.54 -11.92
C LYS B 150 -8.33 18.07 -11.60
N PRO B 151 -8.24 17.20 -12.61
CA PRO B 151 -7.94 15.79 -12.34
C PRO B 151 -6.47 15.59 -11.96
N GLY B 152 -6.24 14.84 -10.89
CA GLY B 152 -4.88 14.40 -10.56
C GLY B 152 -4.47 13.25 -11.47
N VAL B 153 -3.21 13.29 -11.92
CA VAL B 153 -2.73 12.34 -12.90
C VAL B 153 -1.52 11.61 -12.32
N VAL B 154 -1.55 10.28 -12.41
CA VAL B 154 -0.54 9.39 -11.83
C VAL B 154 -0.01 8.48 -12.91
N VAL B 155 1.30 8.27 -12.91
CA VAL B 155 1.91 7.29 -13.80
C VAL B 155 2.81 6.39 -12.97
N VAL B 156 2.59 5.07 -13.05
CA VAL B 156 3.35 4.08 -12.29
C VAL B 156 3.59 2.85 -13.15
N THR B 157 4.46 1.96 -12.65
CA THR B 157 4.81 0.75 -13.39
C THR B 157 3.83 -0.39 -13.06
N SER B 158 3.99 -1.53 -13.74
CA SER B 158 3.15 -2.70 -13.51
C SER B 158 3.41 -3.28 -12.12
N GLY B 159 2.68 -4.32 -11.78
CA GLY B 159 2.94 -5.07 -10.56
C GLY B 159 2.84 -4.22 -9.31
N PRO B 160 3.90 -4.23 -8.50
CA PRO B 160 3.83 -3.51 -7.21
C PRO B 160 3.61 -2.02 -7.37
N GLY B 161 3.98 -1.42 -8.51
CA GLY B 161 3.66 -0.02 -8.73
C GLY B 161 2.17 0.24 -8.69
N ALA B 162 1.41 -0.63 -9.37
CA ALA B 162 -0.06 -0.52 -9.42
C ALA B 162 -0.73 -0.94 -8.11
N THR B 163 -0.30 -2.04 -7.51
CA THR B 163 -0.90 -2.42 -6.24
C THR B 163 -0.68 -1.33 -5.19
N ASN B 164 0.47 -0.64 -5.23
CA ASN B 164 0.68 0.45 -4.28
C ASN B 164 -0.28 1.64 -4.45
N VAL B 165 -0.93 1.81 -5.61
CA VAL B 165 -1.83 2.96 -5.75
C VAL B 165 -3.28 2.57 -5.50
N ILE B 166 -3.53 1.38 -4.95
CA ILE B 166 -4.91 0.94 -4.77
C ILE B 166 -5.57 1.68 -3.62
N THR B 167 -4.87 1.83 -2.49
CA THR B 167 -5.43 2.62 -1.41
C THR B 167 -5.76 4.05 -1.84
N PRO B 168 -4.90 4.77 -2.58
CA PRO B 168 -5.33 6.07 -3.14
C PRO B 168 -6.55 6.01 -4.05
N MET B 169 -6.62 5.03 -4.96
CA MET B 169 -7.75 4.96 -5.87
C MET B 169 -9.04 4.71 -5.11
N GLN B 170 -9.06 3.69 -4.25
CA GLN B 170 -10.26 3.41 -3.47
C GLN B 170 -10.65 4.65 -2.67
N ASP B 171 -9.65 5.39 -2.19
CA ASP B 171 -9.91 6.60 -1.41
C ASP B 171 -10.57 7.66 -2.28
N ALA B 172 -10.00 7.89 -3.48
CA ALA B 172 -10.56 8.83 -4.44
C ALA B 172 -11.98 8.43 -4.84
N LEU B 173 -12.22 7.11 -5.01
CA LEU B 173 -13.57 6.65 -5.32
C LEU B 173 -14.54 6.94 -4.18
N SER B 174 -14.12 6.68 -2.94
CA SER B 174 -15.03 6.88 -1.82
C SER B 174 -15.42 8.35 -1.66
N ASP B 175 -14.52 9.27 -2.01
CA ASP B 175 -14.72 10.68 -1.79
C ASP B 175 -14.98 11.43 -3.09
N GLY B 176 -15.25 10.73 -4.18
CA GLY B 176 -15.50 11.35 -5.47
C GLY B 176 -14.44 12.32 -5.97
N THR B 177 -13.15 11.91 -5.95
CA THR B 177 -12.06 12.76 -6.39
C THR B 177 -11.62 12.37 -7.80
N PRO B 178 -11.58 13.30 -8.76
CA PRO B 178 -11.18 12.91 -10.11
C PRO B 178 -9.70 12.58 -10.19
N MET B 179 -9.39 11.44 -10.77
CA MET B 179 -8.02 10.95 -10.82
C MET B 179 -7.91 10.07 -12.06
N VAL B 180 -6.81 10.22 -12.80
CA VAL B 180 -6.49 9.31 -13.89
C VAL B 180 -5.15 8.67 -13.58
N VAL B 181 -5.11 7.34 -13.60
CA VAL B 181 -3.93 6.58 -13.19
C VAL B 181 -3.51 5.71 -14.35
N PHE B 182 -2.29 5.90 -14.83
CA PHE B 182 -1.74 5.07 -15.89
C PHE B 182 -0.77 4.06 -15.29
N CYS B 183 -0.85 2.82 -15.74
CA CYS B 183 0.03 1.75 -15.30
C CYS B 183 0.68 1.12 -16.52
N GLY B 184 1.99 0.99 -16.48
CA GLY B 184 2.63 0.05 -17.37
C GLY B 184 2.03 -1.33 -17.20
N GLN B 185 1.97 -2.09 -18.29
CA GLN B 185 1.60 -3.49 -18.29
C GLN B 185 2.63 -4.26 -19.09
N VAL B 186 2.64 -5.58 -18.90
CA VAL B 186 3.49 -6.43 -19.72
C VAL B 186 2.91 -6.42 -21.13
N PRO B 187 3.70 -6.77 -22.17
CA PRO B 187 3.18 -6.76 -23.55
C PRO B 187 1.90 -7.58 -23.71
N THR B 188 1.01 -7.07 -24.58
CA THR B 188 -0.31 -7.67 -24.77
C THR B 188 -0.22 -9.17 -25.06
N ALA B 189 0.82 -9.60 -25.79
CA ALA B 189 0.93 -11.01 -26.14
C ALA B 189 0.99 -11.91 -24.91
N ALA B 190 1.57 -11.43 -23.82
CA ALA B 190 1.75 -12.23 -22.60
C ALA B 190 0.64 -11.98 -21.58
N ILE B 191 -0.61 -12.00 -22.03
CA ILE B 191 -1.78 -11.79 -21.16
C ILE B 191 -1.71 -10.46 -20.40
N ALA B 199 0.88 -9.19 -12.37
CA ALA B 199 -0.31 -8.83 -11.59
C ALA B 199 -1.52 -8.47 -12.47
N ASP B 200 -2.66 -9.03 -12.10
CA ASP B 200 -3.95 -8.68 -12.69
C ASP B 200 -4.34 -7.30 -12.19
N VAL B 201 -3.70 -6.27 -12.76
CA VAL B 201 -3.96 -4.89 -12.34
C VAL B 201 -5.42 -4.50 -12.63
N VAL B 202 -5.92 -4.87 -13.82
CA VAL B 202 -7.25 -4.47 -14.24
C VAL B 202 -8.31 -5.09 -13.33
N GLY B 203 -8.23 -6.40 -13.09
CA GLY B 203 -9.24 -7.08 -12.30
C GLY B 203 -9.20 -6.72 -10.83
N ILE B 204 -7.99 -6.61 -10.26
CA ILE B 204 -7.80 -6.22 -8.87
C ILE B 204 -8.42 -4.85 -8.60
N SER B 205 -8.63 -4.05 -9.64
CA SER B 205 -9.01 -2.65 -9.51
C SER B 205 -10.42 -2.33 -9.99
N ARG B 206 -11.19 -3.34 -10.43
CA ARG B 206 -12.56 -3.08 -10.89
C ARG B 206 -13.39 -2.45 -9.79
N ALA B 207 -13.38 -3.06 -8.61
CA ALA B 207 -14.19 -2.61 -7.48
C ALA B 207 -13.62 -1.40 -6.77
N CYS B 208 -12.49 -0.85 -7.21
CA CYS B 208 -11.93 0.32 -6.54
C CYS B 208 -11.71 1.49 -7.49
N THR B 209 -12.25 1.43 -8.71
CA THR B 209 -12.22 2.55 -9.63
C THR B 209 -13.60 2.81 -10.20
N LYS B 210 -13.79 4.04 -10.69
CA LYS B 210 -15.03 4.39 -11.39
C LYS B 210 -15.11 3.68 -12.74
N TRP B 211 -13.97 3.39 -13.35
CA TRP B 211 -13.86 2.74 -14.63
C TRP B 211 -12.40 2.37 -14.83
N ASN B 212 -12.15 1.32 -15.62
CA ASN B 212 -10.79 1.05 -16.03
C ASN B 212 -10.81 0.39 -17.40
N VAL B 213 -9.67 0.48 -18.08
CA VAL B 213 -9.54 -0.04 -19.44
C VAL B 213 -8.10 -0.44 -19.66
N MET B 214 -7.89 -1.52 -20.42
CA MET B 214 -6.57 -1.84 -20.96
C MET B 214 -6.53 -1.38 -22.40
N VAL B 215 -5.49 -0.62 -22.74
CA VAL B 215 -5.31 -0.13 -24.09
C VAL B 215 -4.64 -1.23 -24.92
N LYS B 216 -5.33 -1.72 -25.93
CA LYS B 216 -4.89 -2.93 -26.61
C LYS B 216 -4.11 -2.67 -27.89
N SER B 217 -3.98 -1.42 -28.32
CA SER B 217 -3.28 -1.11 -29.54
C SER B 217 -2.90 0.36 -29.49
N VAL B 218 -1.91 0.72 -30.28
CA VAL B 218 -1.45 2.10 -30.22
C VAL B 218 -2.50 3.05 -30.77
N ALA B 219 -3.29 2.59 -31.76
CA ALA B 219 -4.30 3.46 -32.38
C ALA B 219 -5.39 3.87 -31.38
N GLU B 220 -5.86 2.93 -30.55
CA GLU B 220 -6.84 3.21 -29.50
C GLU B 220 -6.40 4.30 -28.53
N LEU B 221 -5.11 4.66 -28.51
CA LEU B 221 -4.58 5.39 -27.36
C LEU B 221 -5.16 6.79 -27.19
N PRO B 222 -5.27 7.63 -28.23
CA PRO B 222 -5.95 8.92 -28.03
C PRO B 222 -7.39 8.77 -27.58
N ARG B 223 -8.10 7.78 -28.14
CA ARG B 223 -9.50 7.58 -27.80
C ARG B 223 -9.68 7.21 -26.34
N ARG B 224 -8.97 6.17 -25.87
CA ARG B 224 -9.12 5.74 -24.48
C ARG B 224 -8.69 6.85 -23.50
N ILE B 225 -7.65 7.59 -23.85
CA ILE B 225 -7.17 8.60 -22.91
C ILE B 225 -8.21 9.69 -22.77
N ASN B 226 -8.90 10.00 -23.86
CA ASN B 226 -9.96 11.02 -23.80
C ASN B 226 -11.18 10.48 -23.03
N GLU B 227 -11.62 9.26 -23.36
CA GLU B 227 -12.63 8.58 -22.57
C GLU B 227 -12.31 8.68 -21.09
N ALA B 228 -11.10 8.25 -20.71
CA ALA B 228 -10.73 8.17 -19.31
C ALA B 228 -10.84 9.52 -18.61
N PHE B 229 -10.36 10.58 -19.25
CA PHE B 229 -10.42 11.89 -18.61
C PHE B 229 -11.85 12.39 -18.45
N GLU B 230 -12.75 12.06 -19.40
CA GLU B 230 -14.12 12.55 -19.26
C GLU B 230 -14.90 11.73 -18.22
N ILE B 231 -14.71 10.41 -18.19
CA ILE B 231 -15.38 9.60 -17.18
C ILE B 231 -14.93 10.00 -15.78
N ALA B 232 -13.63 10.31 -15.62
CA ALA B 232 -13.12 10.69 -14.33
C ALA B 232 -13.71 12.00 -13.84
N THR B 233 -14.19 12.85 -14.74
CA THR B 233 -14.65 14.18 -14.36
C THR B 233 -16.15 14.39 -14.57
N SER B 234 -16.82 13.51 -15.30
CA SER B 234 -18.26 13.56 -15.49
C SER B 234 -19.00 13.19 -14.20
N GLY B 235 -20.32 13.42 -14.21
CA GLY B 235 -21.19 13.04 -13.11
C GLY B 235 -20.53 13.23 -11.77
N ARG B 236 -20.51 12.18 -10.95
CA ARG B 236 -19.65 12.18 -9.77
C ARG B 236 -18.21 11.89 -10.21
N PRO B 237 -17.26 12.80 -9.98
CA PRO B 237 -15.86 12.54 -10.36
C PRO B 237 -15.32 11.32 -9.65
N GLY B 238 -14.46 10.56 -10.32
CA GLY B 238 -13.86 9.40 -9.71
C GLY B 238 -12.51 9.05 -10.28
N PRO B 239 -11.91 7.98 -9.76
CA PRO B 239 -10.63 7.50 -10.30
C PRO B 239 -10.85 6.55 -11.47
N VAL B 240 -10.01 6.72 -12.49
CA VAL B 240 -10.03 5.85 -13.66
C VAL B 240 -8.63 5.26 -13.84
N LEU B 241 -8.56 3.95 -14.09
CA LEU B 241 -7.31 3.24 -14.30
C LEU B 241 -7.15 2.91 -15.78
N VAL B 242 -6.02 3.28 -16.37
CA VAL B 242 -5.70 2.97 -17.76
C VAL B 242 -4.45 2.10 -17.78
N ASP B 243 -4.55 0.95 -18.43
CA ASP B 243 -3.42 0.02 -18.55
C ASP B 243 -2.66 0.29 -19.84
N LEU B 244 -1.35 0.49 -19.71
CA LEU B 244 -0.47 0.72 -20.84
C LEU B 244 0.46 -0.47 -21.02
N PRO B 245 0.13 -1.43 -21.89
CA PRO B 245 1.09 -2.48 -22.24
C PRO B 245 2.37 -1.88 -22.83
N LYS B 246 3.51 -2.43 -22.41
CA LYS B 246 4.82 -1.93 -22.85
C LYS B 246 4.91 -1.88 -24.37
N ASP B 247 4.44 -2.93 -25.07
CA ASP B 247 4.51 -2.95 -26.52
C ASP B 247 3.55 -1.95 -27.16
N VAL B 248 2.52 -1.52 -26.43
CA VAL B 248 1.66 -0.46 -26.92
C VAL B 248 2.38 0.88 -26.82
N THR B 249 3.01 1.17 -25.69
CA THR B 249 3.68 2.45 -25.54
C THR B 249 4.99 2.50 -26.32
N ALA B 250 5.65 1.36 -26.50
CA ALA B 250 6.88 1.34 -27.27
C ALA B 250 6.63 1.24 -28.77
N GLY B 251 5.46 0.69 -29.18
CA GLY B 251 5.16 0.56 -30.58
C GLY B 251 4.85 1.89 -31.23
N ILE B 252 4.95 1.91 -32.55
CA ILE B 252 4.86 3.15 -33.33
C ILE B 252 3.57 3.13 -34.15
N LEU B 253 2.83 4.23 -34.10
CA LEU B 253 1.62 4.38 -34.89
C LEU B 253 1.95 4.55 -36.36
N ARG B 254 1.39 3.68 -37.21
CA ARG B 254 1.63 3.66 -38.64
C ARG B 254 0.51 4.27 -39.46
N ARG B 255 -0.76 3.97 -39.13
CA ARG B 255 -1.92 4.48 -39.84
C ARG B 255 -2.48 5.72 -39.14
N ALA B 256 -3.41 6.39 -39.80
CA ALA B 256 -4.09 7.52 -39.19
C ALA B 256 -5.23 7.03 -38.30
N ILE B 257 -5.52 7.79 -37.25
CA ILE B 257 -6.47 7.33 -36.25
C ILE B 257 -7.62 8.32 -36.11
N PRO B 258 -8.85 7.84 -35.91
CA PRO B 258 -10.04 8.69 -35.76
C PRO B 258 -9.89 9.73 -34.64
N GLU B 276 -37.25 16.36 -25.60
CA GLU B 276 -37.24 15.65 -24.33
C GLU B 276 -38.30 16.08 -23.33
N LEU B 277 -38.79 15.07 -22.59
CA LEU B 277 -39.78 15.19 -21.53
C LEU B 277 -39.27 14.81 -20.15
N SER B 278 -38.04 14.29 -20.04
CA SER B 278 -37.42 14.19 -18.71
C SER B 278 -37.14 15.58 -18.16
N THR B 279 -36.59 16.46 -18.99
CA THR B 279 -36.48 17.87 -18.66
C THR B 279 -37.83 18.40 -18.16
N GLN B 280 -38.92 17.99 -18.80
CA GLN B 280 -40.25 18.35 -18.33
C GLN B 280 -40.47 17.86 -16.89
N GLN B 281 -40.19 16.58 -16.63
CA GLN B 281 -40.34 16.05 -15.28
C GLN B 281 -39.32 16.63 -14.31
N LEU B 282 -38.18 17.12 -14.83
CA LEU B 282 -37.24 17.84 -13.98
C LEU B 282 -37.87 19.12 -13.44
N ASN B 283 -38.36 19.98 -14.34
CA ASN B 283 -39.03 21.21 -13.95
C ASN B 283 -40.20 20.92 -13.01
N ALA B 284 -40.93 19.84 -13.26
CA ALA B 284 -42.00 19.45 -12.36
C ALA B 284 -41.47 19.11 -10.97
N SER B 285 -40.29 18.48 -10.91
CA SER B 285 -39.70 18.14 -9.61
C SER B 285 -39.15 19.38 -8.94
N ILE B 286 -38.59 20.30 -9.71
CA ILE B 286 -38.14 21.57 -9.16
C ILE B 286 -39.31 22.31 -8.53
N LYS B 287 -40.45 22.38 -9.23
CA LYS B 287 -41.61 23.09 -8.72
C LYS B 287 -42.16 22.43 -7.46
N ARG B 288 -42.27 21.11 -7.46
CA ARG B 288 -42.71 20.39 -6.26
C ARG B 288 -41.82 20.69 -5.06
N ALA B 289 -40.52 20.91 -5.29
CA ALA B 289 -39.59 21.18 -4.21
C ALA B 289 -39.75 22.59 -3.67
N ALA B 290 -39.88 23.58 -4.56
CA ALA B 290 -40.09 24.96 -4.11
C ALA B 290 -41.36 25.06 -3.29
N ASP B 291 -42.47 24.50 -3.78
CA ASP B 291 -43.68 24.39 -2.97
C ASP B 291 -43.37 23.78 -1.62
N LEU B 292 -42.58 22.71 -1.61
CA LEU B 292 -42.28 22.02 -0.36
C LEU B 292 -41.40 22.87 0.56
N ILE B 293 -40.49 23.66 -0.01
CA ILE B 293 -39.69 24.56 0.81
C ILE B 293 -40.56 25.68 1.39
N ASN B 294 -41.31 26.36 0.52
CA ASN B 294 -42.17 27.46 0.96
C ASN B 294 -43.12 27.01 2.06
N MET B 295 -43.74 25.85 1.88
CA MET B 295 -44.64 25.28 2.87
C MET B 295 -43.96 25.08 4.22
N GLY B 296 -42.65 24.85 4.22
CA GLY B 296 -41.98 24.46 5.46
C GLY B 296 -41.80 25.63 6.41
N LYS B 297 -41.91 25.33 7.71
CA LYS B 297 -41.69 26.31 8.76
C LYS B 297 -40.39 26.13 9.51
N LYS B 298 -39.77 24.95 9.42
CA LYS B 298 -38.53 24.64 10.14
C LYS B 298 -37.48 24.10 9.16
N PRO B 299 -37.13 24.86 8.13
CA PRO B 299 -36.30 24.32 7.05
C PRO B 299 -34.83 24.30 7.45
N VAL B 300 -34.06 23.47 6.74
CA VAL B 300 -32.62 23.41 6.94
C VAL B 300 -31.96 22.93 5.64
N ILE B 301 -30.80 23.50 5.35
CA ILE B 301 -29.96 23.09 4.23
C ILE B 301 -28.89 22.13 4.75
N TYR B 302 -28.82 20.95 4.14
CA TYR B 302 -27.79 19.96 4.44
C TYR B 302 -26.94 19.85 3.17
N ALA B 303 -25.80 20.54 3.17
CA ALA B 303 -24.96 20.73 1.99
C ALA B 303 -23.68 19.89 2.08
N GLY B 304 -23.33 19.24 0.98
CA GLY B 304 -22.12 18.44 0.97
C GLY B 304 -21.18 18.74 -0.18
N GLN B 305 -20.17 17.90 -0.37
CA GLN B 305 -19.14 18.14 -1.37
C GLN B 305 -19.70 18.31 -2.78
N GLY B 306 -20.91 17.78 -3.04
CA GLY B 306 -21.52 17.97 -4.35
C GLY B 306 -21.69 19.44 -4.70
N VAL B 307 -21.93 20.29 -3.70
CA VAL B 307 -22.04 21.72 -3.95
C VAL B 307 -20.70 22.29 -4.42
N ILE B 308 -19.63 21.95 -3.70
CA ILE B 308 -18.28 22.40 -4.08
C ILE B 308 -17.87 21.87 -5.45
N GLN B 309 -18.34 20.69 -5.83
CA GLN B 309 -18.00 20.09 -7.12
C GLN B 309 -18.99 20.44 -8.23
N SER B 310 -19.82 21.46 -8.03
CA SER B 310 -20.71 21.96 -9.07
C SER B 310 -20.35 23.41 -9.35
N GLU B 311 -20.29 23.77 -10.62
CA GLU B 311 -19.87 25.12 -10.98
C GLU B 311 -20.86 26.16 -10.46
N GLY B 312 -20.32 27.20 -9.79
CA GLY B 312 -21.13 28.23 -9.17
C GLY B 312 -21.92 27.81 -7.96
N GLY B 313 -21.64 26.63 -7.41
CA GLY B 313 -22.46 26.02 -6.40
C GLY B 313 -22.54 26.75 -5.08
N PRO B 314 -21.38 27.05 -4.46
CA PRO B 314 -21.41 27.76 -3.18
C PRO B 314 -22.14 29.09 -3.24
N GLU B 315 -21.98 29.83 -4.34
CA GLU B 315 -22.70 31.10 -4.49
C GLU B 315 -24.20 30.87 -4.47
N LEU B 316 -24.69 29.91 -5.26
CA LEU B 316 -26.12 29.63 -5.27
C LEU B 316 -26.58 29.15 -3.90
N LEU B 317 -25.75 28.35 -3.22
CA LEU B 317 -26.04 28.00 -1.84
C LEU B 317 -26.29 29.27 -1.01
N LYS B 318 -25.39 30.25 -1.15
CA LYS B 318 -25.51 31.50 -0.39
C LYS B 318 -26.82 32.23 -0.69
N GLU B 319 -27.19 32.29 -1.97
CA GLU B 319 -28.40 32.97 -2.43
C GLU B 319 -29.65 32.42 -1.75
N LEU B 320 -29.97 31.16 -2.05
CA LEU B 320 -31.16 30.51 -1.48
C LEU B 320 -31.17 30.60 0.03
N ALA B 321 -30.02 30.45 0.68
CA ALA B 321 -30.00 30.53 2.14
C ALA B 321 -30.22 31.94 2.63
N ASP B 322 -29.82 32.95 1.83
CA ASP B 322 -30.04 34.34 2.19
C ASP B 322 -31.49 34.75 1.87
N LYS B 323 -31.94 34.48 0.65
CA LYS B 323 -33.27 34.90 0.23
C LYS B 323 -34.36 34.36 1.14
N ALA B 324 -34.37 33.04 1.38
CA ALA B 324 -35.39 32.41 2.21
C ALA B 324 -34.96 32.26 3.66
N SER B 325 -33.82 32.84 4.04
CA SER B 325 -33.24 32.75 5.39
C SER B 325 -33.36 31.34 5.98
N ILE B 326 -32.62 30.41 5.37
CA ILE B 326 -32.61 29.01 5.78
C ILE B 326 -31.26 28.73 6.42
N PRO B 327 -31.21 28.09 7.59
CA PRO B 327 -29.91 27.78 8.21
C PRO B 327 -29.22 26.61 7.51
N VAL B 328 -27.89 26.70 7.41
CA VAL B 328 -27.09 25.80 6.59
C VAL B 328 -26.15 25.00 7.49
N THR B 329 -26.18 23.67 7.33
CA THR B 329 -25.17 22.79 7.89
C THR B 329 -24.49 22.02 6.76
N THR B 330 -23.25 21.61 6.99
CA THR B 330 -22.49 20.86 5.99
C THR B 330 -21.86 19.61 6.61
N THR B 331 -21.50 18.68 5.71
CA THR B 331 -20.72 17.51 6.07
C THR B 331 -19.26 17.89 6.28
N LEU B 332 -18.46 16.87 6.61
CA LEU B 332 -17.01 17.03 6.66
C LEU B 332 -16.46 17.54 5.33
N HIS B 333 -16.94 16.98 4.21
CA HIS B 333 -16.45 17.40 2.90
C HIS B 333 -17.11 18.67 2.40
N GLY B 334 -18.30 19.01 2.93
CA GLY B 334 -18.95 20.26 2.59
C GLY B 334 -18.40 21.48 3.30
N LEU B 335 -17.58 21.30 4.32
CA LEU B 335 -16.98 22.41 5.05
C LEU B 335 -16.35 23.41 4.09
N GLY B 336 -16.76 24.68 4.21
CA GLY B 336 -16.30 25.74 3.35
C GLY B 336 -17.21 26.06 2.18
N ALA B 337 -18.25 25.26 1.95
CA ALA B 337 -19.22 25.57 0.92
C ALA B 337 -20.17 26.70 1.33
N PHE B 338 -20.09 27.12 2.58
CA PHE B 338 -20.94 28.17 3.14
C PHE B 338 -20.12 28.88 4.20
N ASP B 339 -20.28 30.19 4.31
CA ASP B 339 -19.51 30.92 5.31
C ASP B 339 -19.93 30.48 6.71
N GLU B 340 -18.98 29.94 7.47
CA GLU B 340 -19.25 29.53 8.84
C GLU B 340 -19.41 30.71 9.78
N LEU B 341 -19.02 31.92 9.37
CA LEU B 341 -19.24 33.09 10.20
C LEU B 341 -20.65 33.65 10.05
N ASP B 342 -21.34 33.29 8.97
CA ASP B 342 -22.73 33.71 8.76
C ASP B 342 -23.61 33.25 9.92
N GLU B 343 -24.55 34.12 10.31
CA GLU B 343 -25.43 33.84 11.45
C GLU B 343 -26.28 32.60 11.22
N LYS B 344 -26.59 32.28 9.97
CA LYS B 344 -27.32 31.07 9.62
C LYS B 344 -26.48 29.80 9.68
N SER B 345 -25.16 29.92 9.89
CA SER B 345 -24.31 28.74 9.87
C SER B 345 -24.57 27.87 11.09
N LEU B 346 -24.83 26.58 10.85
CA LEU B 346 -24.94 25.60 11.91
C LEU B 346 -23.69 24.77 12.07
N HIS B 347 -22.71 24.93 11.17
CA HIS B 347 -21.44 24.23 11.16
C HIS B 347 -21.63 22.76 10.75
N MET B 348 -20.78 21.85 11.23
CA MET B 348 -20.81 20.48 10.77
C MET B 348 -21.78 19.65 11.61
N LEU B 349 -22.56 18.80 10.94
CA LEU B 349 -23.43 17.82 11.58
C LEU B 349 -22.75 16.46 11.62
N GLY B 350 -23.38 15.55 12.35
CA GLY B 350 -23.07 14.16 12.26
C GLY B 350 -22.40 13.62 13.51
N MET B 351 -21.65 12.53 13.30
CA MET B 351 -21.05 11.80 14.41
C MET B 351 -20.27 12.71 15.36
N HIS B 352 -19.55 13.68 14.81
CA HIS B 352 -18.84 14.65 15.64
C HIS B 352 -19.23 16.07 15.21
N GLY B 353 -20.48 16.23 14.77
CA GLY B 353 -20.97 17.55 14.45
C GLY B 353 -21.26 18.38 15.69
N ALA B 354 -21.53 19.65 15.45
CA ALA B 354 -22.02 20.52 16.52
C ALA B 354 -23.38 20.04 16.98
N ALA B 355 -23.55 19.96 18.30
CA ALA B 355 -24.82 19.50 18.86
C ALA B 355 -26.01 20.27 18.31
N TYR B 356 -25.83 21.53 17.92
CA TYR B 356 -26.99 22.27 17.40
C TYR B 356 -27.30 21.92 15.96
N ALA B 357 -26.28 21.73 15.14
CA ALA B 357 -26.53 21.21 13.80
C ALA B 357 -27.27 19.88 13.89
N ASN B 358 -26.88 19.02 14.82
CA ASN B 358 -27.59 17.76 14.99
C ASN B 358 -29.02 17.99 15.44
N MET B 359 -29.23 18.93 16.36
CA MET B 359 -30.59 19.24 16.79
C MET B 359 -31.41 19.77 15.62
N ALA B 360 -30.85 20.70 14.86
CA ALA B 360 -31.60 21.26 13.74
C ALA B 360 -32.09 20.16 12.83
N MET B 361 -31.18 19.27 12.41
CA MET B 361 -31.53 18.21 11.48
C MET B 361 -32.59 17.28 12.06
N GLN B 362 -32.51 17.02 13.36
CA GLN B 362 -33.44 16.07 13.98
C GLN B 362 -34.83 16.65 14.18
N GLN B 363 -34.97 17.99 14.23
CA GLN B 363 -36.25 18.65 14.41
C GLN B 363 -36.77 19.39 13.18
N ALA B 364 -35.96 19.54 12.13
CA ALA B 364 -36.43 20.25 10.95
C ALA B 364 -37.54 19.45 10.26
N ASP B 365 -38.43 20.18 9.57
CA ASP B 365 -39.53 19.54 8.86
C ASP B 365 -39.32 19.51 7.35
N VAL B 366 -38.46 20.38 6.83
CA VAL B 366 -38.04 20.31 5.43
C VAL B 366 -36.51 20.28 5.45
N ILE B 367 -35.94 19.16 5.01
CA ILE B 367 -34.50 19.02 4.87
C ILE B 367 -34.17 19.07 3.39
N ILE B 368 -33.22 19.93 3.04
CA ILE B 368 -32.80 20.16 1.66
C ILE B 368 -31.38 19.64 1.54
N ALA B 369 -31.23 18.49 0.87
CA ALA B 369 -29.95 17.79 0.75
C ALA B 369 -29.30 18.20 -0.58
N LEU B 370 -28.18 18.90 -0.50
CA LEU B 370 -27.50 19.44 -1.67
C LEU B 370 -26.12 18.81 -1.77
N GLY B 371 -25.90 18.02 -2.83
CA GLY B 371 -24.76 17.13 -2.88
C GLY B 371 -25.03 15.91 -2.01
N SER B 372 -24.28 15.78 -0.92
CA SER B 372 -24.41 14.81 0.17
C SER B 372 -25.18 13.50 -0.03
N ARG B 373 -24.54 12.38 0.36
CA ARG B 373 -25.06 11.04 0.13
C ARG B 373 -25.59 10.39 1.41
N PHE B 374 -25.83 11.16 2.46
CA PHE B 374 -26.44 10.64 3.69
C PHE B 374 -25.63 9.50 4.29
N ASP B 375 -24.32 9.71 4.39
CA ASP B 375 -23.41 8.70 4.91
C ASP B 375 -23.76 8.36 6.35
N ASP B 376 -23.36 7.16 6.75
CA ASP B 376 -23.67 6.67 8.08
C ASP B 376 -23.04 7.53 9.19
N ARG B 377 -21.95 8.25 8.90
CA ARG B 377 -21.34 9.09 9.93
C ARG B 377 -22.01 10.45 10.01
N VAL B 378 -23.02 10.67 9.17
CA VAL B 378 -23.85 11.88 9.17
C VAL B 378 -25.17 11.64 9.90
N THR B 379 -25.84 10.53 9.58
CA THR B 379 -27.22 10.31 9.99
C THR B 379 -27.35 9.62 11.34
N GLY B 380 -26.30 9.01 11.86
CA GLY B 380 -26.59 8.15 12.98
C GLY B 380 -27.44 6.99 12.47
N VAL B 381 -28.09 6.28 13.41
CA VAL B 381 -29.00 5.22 13.01
C VAL B 381 -30.09 5.80 12.13
N VAL B 382 -30.27 5.20 10.95
CA VAL B 382 -31.05 5.84 9.90
C VAL B 382 -32.55 5.80 10.22
N SER B 383 -33.00 4.83 11.02
CA SER B 383 -34.41 4.74 11.36
C SER B 383 -34.81 5.71 12.47
N LYS B 384 -33.84 6.41 13.06
CA LYS B 384 -34.12 7.44 14.05
C LYS B 384 -33.65 8.80 13.56
N PHE B 385 -33.37 8.93 12.27
CA PHE B 385 -32.82 10.15 11.70
C PHE B 385 -33.95 10.98 11.10
N ALA B 386 -33.90 12.28 11.34
CA ALA B 386 -34.83 13.23 10.76
C ALA B 386 -36.29 12.84 11.06
N PRO B 387 -36.66 12.66 12.33
CA PRO B 387 -38.05 12.29 12.62
C PRO B 387 -39.05 13.34 12.17
N ALA B 388 -38.80 14.61 12.54
CA ALA B 388 -39.71 15.68 12.17
C ALA B 388 -39.91 15.77 10.67
N ALA B 389 -38.82 15.71 9.91
CA ALA B 389 -38.95 15.74 8.45
C ALA B 389 -39.66 14.49 7.93
N ARG B 390 -39.62 13.39 8.68
CA ARG B 390 -40.30 12.18 8.24
C ARG B 390 -41.81 12.26 8.51
N GLN B 391 -42.20 12.72 9.70
CA GLN B 391 -43.61 12.98 9.96
C GLN B 391 -44.17 13.98 8.97
N ALA B 392 -43.46 15.09 8.73
CA ALA B 392 -43.89 16.08 7.75
C ALA B 392 -44.09 15.45 6.38
N ALA B 393 -43.27 14.48 6.01
CA ALA B 393 -43.52 13.75 4.77
C ALA B 393 -44.87 13.04 4.85
N ALA B 394 -45.18 12.40 5.99
CA ALA B 394 -46.42 11.63 6.13
C ALA B 394 -47.63 12.54 6.22
N GLU B 395 -47.50 13.68 6.90
CA GLU B 395 -48.56 14.68 6.97
C GLU B 395 -48.63 15.58 5.74
N GLY B 396 -48.01 15.17 4.62
CA GLY B 396 -47.99 15.94 3.39
C GLY B 396 -47.56 17.40 3.53
N ARG B 397 -46.85 17.75 4.60
CA ARG B 397 -46.54 19.12 4.95
C ARG B 397 -45.04 19.33 5.13
N GLY B 398 -44.23 18.67 4.34
CA GLY B 398 -42.78 18.79 4.46
C GLY B 398 -42.09 17.54 3.92
N GLY B 399 -40.95 17.21 4.53
CA GLY B 399 -40.21 16.03 4.11
C GLY B 399 -38.73 16.24 3.87
N ILE B 400 -38.21 15.62 2.81
CA ILE B 400 -36.78 15.57 2.52
C ILE B 400 -36.57 15.76 1.02
N ILE B 401 -35.87 16.83 0.65
CA ILE B 401 -35.56 17.10 -0.75
C ILE B 401 -34.09 16.76 -0.97
N HIS B 402 -33.78 16.15 -2.11
CA HIS B 402 -32.43 15.60 -2.35
C HIS B 402 -32.00 15.90 -3.78
N PHE B 403 -31.10 16.88 -3.92
CA PHE B 403 -30.48 17.26 -5.20
C PHE B 403 -29.24 16.39 -5.41
N GLU B 404 -29.31 15.47 -6.38
CA GLU B 404 -28.27 14.48 -6.59
C GLU B 404 -28.02 14.28 -8.08
N ILE B 405 -26.73 14.20 -8.45
CA ILE B 405 -26.39 14.04 -9.86
C ILE B 405 -26.35 12.58 -10.29
N MET B 406 -26.17 11.64 -9.35
CA MET B 406 -26.10 10.22 -9.70
C MET B 406 -27.43 9.55 -9.39
N PRO B 407 -28.13 9.04 -10.41
CA PRO B 407 -29.45 8.40 -10.13
C PRO B 407 -29.38 7.29 -9.10
N LYS B 408 -28.35 6.45 -9.15
CA LYS B 408 -28.29 5.31 -8.25
C LYS B 408 -27.98 5.71 -6.82
N ASN B 409 -27.60 6.96 -6.58
CA ASN B 409 -27.38 7.44 -5.22
C ASN B 409 -28.66 7.88 -4.53
N ILE B 410 -29.77 7.99 -5.26
CA ILE B 410 -31.00 8.54 -4.71
C ILE B 410 -31.82 7.43 -4.08
N ASN B 411 -32.29 7.67 -2.85
CA ASN B 411 -33.03 6.70 -2.04
C ASN B 411 -32.21 5.46 -1.72
N LYS B 412 -30.88 5.58 -1.76
CA LYS B 412 -30.03 4.48 -1.36
C LYS B 412 -30.07 4.26 0.14
N VAL B 413 -30.17 5.34 0.91
CA VAL B 413 -30.10 5.30 2.37
C VAL B 413 -31.40 5.80 3.00
N VAL B 414 -31.86 6.97 2.58
CA VAL B 414 -33.09 7.55 3.10
C VAL B 414 -33.98 7.87 1.92
N GLN B 415 -35.29 7.70 2.10
CA GLN B 415 -36.22 7.96 1.01
C GLN B 415 -36.42 9.46 0.87
N ALA B 416 -36.24 9.96 -0.34
CA ALA B 416 -36.46 11.38 -0.63
C ALA B 416 -37.93 11.61 -0.89
N THR B 417 -38.48 12.65 -0.26
CA THR B 417 -39.85 13.06 -0.57
C THR B 417 -39.95 13.56 -2.00
N GLU B 418 -39.05 14.45 -2.41
CA GLU B 418 -38.90 14.86 -3.80
C GLU B 418 -37.42 14.85 -4.15
N ALA B 419 -37.09 14.28 -5.32
CA ALA B 419 -35.71 14.10 -5.74
C ALA B 419 -35.46 14.94 -6.98
N VAL B 420 -34.44 15.77 -6.92
CA VAL B 420 -34.09 16.66 -8.03
C VAL B 420 -32.83 16.09 -8.67
N GLU B 421 -33.00 15.36 -9.77
CA GLU B 421 -31.91 14.68 -10.43
C GLU B 421 -31.07 15.66 -11.24
N GLY B 422 -29.75 15.60 -11.09
CA GLY B 422 -28.83 16.30 -11.96
C GLY B 422 -27.91 17.24 -11.22
N ASP B 423 -27.17 18.04 -11.99
CA ASP B 423 -26.22 19.00 -11.43
C ASP B 423 -26.91 19.92 -10.42
N VAL B 424 -26.40 19.91 -9.18
CA VAL B 424 -27.04 20.68 -8.11
C VAL B 424 -26.93 22.17 -8.37
N GLY B 425 -25.86 22.62 -9.02
CA GLY B 425 -25.72 24.03 -9.33
C GLY B 425 -26.72 24.49 -10.37
N ALA B 426 -26.89 23.71 -11.45
CA ALA B 426 -27.85 24.08 -12.49
C ALA B 426 -29.28 24.08 -11.93
N ASN B 427 -29.64 23.03 -11.19
CA ASN B 427 -31.00 22.90 -10.71
C ASN B 427 -31.34 23.92 -9.62
N MET B 428 -30.34 24.39 -8.89
CA MET B 428 -30.60 25.50 -7.97
C MET B 428 -30.91 26.80 -8.70
N LYS B 429 -30.42 26.95 -9.93
CA LYS B 429 -30.72 28.15 -10.70
C LYS B 429 -32.17 28.19 -11.17
N LEU B 430 -32.83 27.04 -11.24
CA LEU B 430 -34.25 26.96 -11.58
C LEU B 430 -35.14 26.86 -10.35
N LEU B 431 -34.56 26.61 -9.18
CA LEU B 431 -35.31 26.55 -7.93
C LEU B 431 -35.33 27.86 -7.17
N ILE B 432 -34.25 28.64 -7.23
CA ILE B 432 -34.21 29.91 -6.50
C ILE B 432 -35.33 30.84 -6.97
N PRO B 433 -35.62 30.98 -8.29
CA PRO B 433 -36.87 31.66 -8.69
C PRO B 433 -38.08 31.24 -7.86
N GLN B 434 -38.47 29.97 -7.94
CA GLN B 434 -39.74 29.48 -7.41
C GLN B 434 -39.79 29.41 -5.87
N VAL B 435 -38.75 29.84 -5.15
CA VAL B 435 -38.77 29.88 -3.69
C VAL B 435 -39.10 31.30 -3.26
N LYS B 436 -40.01 31.43 -2.29
CA LYS B 436 -40.46 32.73 -1.81
C LYS B 436 -39.56 33.22 -0.68
N ALA B 437 -39.14 34.47 -0.75
CA ALA B 437 -38.21 35.03 0.22
C ALA B 437 -38.82 35.11 1.62
N LYS B 438 -37.95 35.08 2.63
CA LYS B 438 -38.33 35.27 4.03
C LYS B 438 -37.23 36.11 4.70
N THR B 439 -37.37 36.33 6.01
CA THR B 439 -36.43 37.12 6.79
C THR B 439 -36.14 36.40 8.10
N MET B 440 -35.13 36.88 8.85
CA MET B 440 -34.91 36.33 10.18
C MET B 440 -36.14 36.53 11.07
N GLU B 441 -36.83 37.67 10.93
CA GLU B 441 -38.04 37.91 11.70
C GLU B 441 -39.11 36.88 11.37
N ASP B 442 -39.27 36.56 10.08
CA ASP B 442 -40.17 35.49 9.65
C ASP B 442 -39.98 34.23 10.48
N ARG B 443 -38.75 33.75 10.57
CA ARG B 443 -38.47 32.52 11.31
C ARG B 443 -37.86 32.82 12.67
N LYS B 444 -38.43 33.79 13.37
CA LYS B 444 -37.95 34.11 14.71
C LYS B 444 -38.01 32.89 15.62
N GLU B 445 -39.11 32.13 15.56
CA GLU B 445 -39.27 30.98 16.45
C GLU B 445 -38.26 29.88 16.13
N TRP B 446 -37.99 29.64 14.85
CA TRP B 446 -37.05 28.60 14.46
C TRP B 446 -35.62 28.97 14.86
N PHE B 447 -35.16 30.16 14.45
CA PHE B 447 -33.82 30.60 14.83
C PHE B 447 -33.66 30.77 16.33
N ASP B 448 -34.75 31.06 17.05
CA ASP B 448 -34.66 31.18 18.50
C ASP B 448 -34.29 29.86 19.15
N ALA B 449 -34.87 28.75 18.63
CA ALA B 449 -34.47 27.44 19.14
C ALA B 449 -33.02 27.11 18.73
N ILE B 450 -32.67 27.42 17.49
CA ILE B 450 -31.30 27.23 17.01
C ILE B 450 -30.33 28.00 17.89
N LYS B 451 -30.60 29.28 18.13
CA LYS B 451 -29.71 30.10 18.95
C LYS B 451 -29.70 29.65 20.41
N GLY B 452 -30.80 29.09 20.89
CA GLY B 452 -30.77 28.49 22.22
C GLY B 452 -29.83 27.31 22.27
N TRP B 453 -29.92 26.42 21.26
CA TRP B 453 -29.03 25.28 21.16
C TRP B 453 -27.56 25.71 21.09
N LYS B 454 -27.28 26.83 20.41
CA LYS B 454 -25.91 27.30 20.31
C LYS B 454 -25.36 27.74 21.66
N LYS B 455 -26.21 28.29 22.54
CA LYS B 455 -25.73 28.71 23.85
C LYS B 455 -25.67 27.52 24.81
N LYS B 456 -26.63 26.60 24.70
CA LYS B 456 -26.61 25.40 25.53
C LYS B 456 -25.39 24.55 25.23
N TYR B 457 -25.06 24.38 23.95
CA TYR B 457 -23.94 23.55 23.51
C TYR B 457 -23.03 24.34 22.59
N PRO B 458 -22.08 25.09 23.15
CA PRO B 458 -21.08 25.77 22.31
C PRO B 458 -19.88 24.88 22.03
N LEU B 459 -19.39 24.95 20.79
CA LEU B 459 -18.22 24.17 20.42
C LEU B 459 -17.00 24.57 21.25
N SER B 460 -16.99 25.81 21.75
CA SER B 460 -15.86 26.31 22.52
C SER B 460 -15.86 25.85 23.97
N HIS B 461 -16.77 24.94 24.36
CA HIS B 461 -16.86 24.49 25.75
C HIS B 461 -16.15 23.15 25.84
N TYR B 462 -14.85 23.20 26.15
CA TYR B 462 -14.05 22.01 26.36
C TYR B 462 -13.06 22.28 27.49
N GLN B 463 -12.60 21.20 28.12
CA GLN B 463 -11.65 21.34 29.22
C GLN B 463 -10.42 22.11 28.76
N ARG B 464 -10.00 23.08 29.59
CA ARG B 464 -8.83 23.91 29.26
C ARG B 464 -7.75 23.83 30.34
N THR B 468 -4.02 23.99 30.87
CA THR B 468 -2.82 24.69 31.31
C THR B 468 -1.75 23.71 31.84
N GLY B 469 -0.50 23.94 31.48
CA GLY B 469 0.54 22.95 31.68
C GLY B 469 0.74 22.07 30.44
N LEU B 470 -0.33 21.45 29.96
CA LEU B 470 -0.31 20.63 28.76
C LEU B 470 -1.22 21.23 27.69
N ILE B 471 -0.69 21.41 26.49
CA ILE B 471 -1.43 22.07 25.42
C ILE B 471 -2.67 21.27 25.07
N LYS B 472 -3.82 22.00 24.78
CA LYS B 472 -5.04 21.29 24.44
C LYS B 472 -5.25 21.30 22.93
N PRO B 473 -5.51 20.13 22.34
CA PRO B 473 -5.51 20.03 20.87
C PRO B 473 -6.57 20.86 20.19
N GLN B 474 -7.74 21.03 20.82
CA GLN B 474 -8.76 21.92 20.27
C GLN B 474 -8.23 23.34 20.17
N THR B 475 -7.43 23.77 21.14
CA THR B 475 -6.89 25.12 21.11
C THR B 475 -6.01 25.33 19.89
N VAL B 476 -5.18 24.34 19.55
CA VAL B 476 -4.33 24.46 18.36
C VAL B 476 -5.18 24.76 17.13
N MET B 477 -6.36 24.18 17.05
CA MET B 477 -7.20 24.42 15.88
C MET B 477 -7.84 25.80 15.95
N GLU B 478 -8.28 26.20 17.14
CA GLU B 478 -8.77 27.57 17.31
C GLU B 478 -7.72 28.57 16.88
N GLU B 479 -6.48 28.39 17.33
CA GLU B 479 -5.43 29.36 17.05
C GLU B 479 -5.01 29.34 15.57
N ILE B 480 -4.96 28.16 14.95
CA ILE B 480 -4.71 28.14 13.51
C ILE B 480 -5.82 28.87 12.79
N SER B 481 -7.06 28.73 13.28
CA SER B 481 -8.16 29.48 12.68
C SER B 481 -7.95 30.98 12.84
N ASN B 482 -7.57 31.41 14.05
CA ASN B 482 -7.41 32.84 14.34
C ASN B 482 -6.30 33.45 13.50
N LEU B 483 -5.12 32.81 13.46
CA LEU B 483 -3.97 33.38 12.77
C LEU B 483 -4.14 33.46 11.27
N THR B 484 -5.14 32.79 10.69
CA THR B 484 -5.35 32.81 9.26
C THR B 484 -6.68 33.46 8.87
N ALA B 485 -7.36 34.11 9.83
CA ALA B 485 -8.69 34.69 9.55
C ALA B 485 -8.64 35.72 8.43
N ASP B 486 -7.51 36.40 8.28
CA ASP B 486 -7.34 37.42 7.26
C ASP B 486 -6.94 36.86 5.91
N ARG B 487 -6.86 35.53 5.75
CA ARG B 487 -6.38 34.95 4.49
C ARG B 487 -7.06 33.64 4.13
N LYS B 488 -8.29 33.42 4.62
CA LYS B 488 -8.93 32.13 4.44
C LYS B 488 -9.32 31.84 2.99
N ASP B 489 -9.34 32.86 2.12
CA ASP B 489 -9.54 32.64 0.70
C ASP B 489 -8.29 32.13 -0.02
N LYS B 490 -7.17 32.01 0.71
CA LYS B 490 -5.93 31.45 0.19
C LYS B 490 -5.28 30.53 1.22
N THR B 491 -6.09 29.80 1.97
CA THR B 491 -5.58 28.88 2.99
C THR B 491 -6.27 27.53 2.83
N TYR B 492 -5.46 26.48 2.79
CA TYR B 492 -5.95 25.11 2.64
C TYR B 492 -5.45 24.26 3.79
N ILE B 493 -6.30 23.36 4.26
CA ILE B 493 -5.96 22.47 5.35
C ILE B 493 -6.07 21.03 4.85
N ALA B 494 -5.01 20.27 5.02
CA ALA B 494 -5.01 18.83 4.85
C ALA B 494 -4.87 18.19 6.22
N THR B 495 -5.52 17.05 6.42
CA THR B 495 -5.46 16.39 7.71
C THR B 495 -5.13 14.91 7.54
N GLY B 496 -4.69 14.30 8.64
CA GLY B 496 -4.73 12.85 8.76
C GLY B 496 -6.15 12.38 9.08
N VAL B 497 -6.26 11.31 9.86
CA VAL B 497 -7.53 10.73 10.24
C VAL B 497 -7.48 10.44 11.74
N GLY B 498 -8.50 10.86 12.47
CA GLY B 498 -8.56 10.66 13.89
C GLY B 498 -9.11 11.90 14.57
N GLN B 499 -8.86 11.99 15.88
CA GLN B 499 -9.36 13.12 16.67
C GLN B 499 -8.98 14.45 16.05
N HIS B 500 -7.67 14.65 15.82
CA HIS B 500 -7.20 15.91 15.22
C HIS B 500 -8.00 16.26 13.97
N GLN B 501 -8.43 15.25 13.22
CA GLN B 501 -9.22 15.50 12.01
C GLN B 501 -10.59 16.06 12.36
N MET B 502 -11.17 15.61 13.48
CA MET B 502 -12.48 16.08 13.89
C MET B 502 -12.37 17.46 14.53
N TRP B 503 -11.39 17.64 15.41
CA TRP B 503 -11.19 18.92 16.08
C TRP B 503 -11.02 20.05 15.08
N VAL B 504 -10.21 19.84 14.03
CA VAL B 504 -10.01 20.90 13.06
C VAL B 504 -11.28 21.14 12.26
N ALA B 505 -12.14 20.12 12.13
CA ALA B 505 -13.47 20.37 11.56
C ALA B 505 -14.29 21.27 12.47
N GLN B 506 -14.20 21.03 13.79
CA GLN B 506 -15.03 21.72 14.76
C GLN B 506 -14.57 23.16 15.00
N HIS B 507 -13.30 23.34 15.39
CA HIS B 507 -12.78 24.62 15.88
C HIS B 507 -12.04 25.42 14.82
N PHE B 508 -12.20 25.11 13.54
CA PHE B 508 -11.70 25.93 12.46
C PHE B 508 -12.90 26.42 11.68
N ARG B 509 -12.91 27.70 11.34
CA ARG B 509 -14.07 28.33 10.70
C ARG B 509 -13.87 28.35 9.20
N TRP B 510 -14.64 27.53 8.50
CA TRP B 510 -14.47 27.27 7.07
C TRP B 510 -15.23 28.32 6.27
N ARG B 511 -14.50 29.10 5.47
CA ARG B 511 -15.11 30.15 4.66
C ARG B 511 -14.88 29.98 3.17
N HIS B 512 -13.85 29.26 2.76
CA HIS B 512 -13.44 29.14 1.37
C HIS B 512 -13.74 27.73 0.86
N PRO B 513 -14.42 27.59 -0.28
CA PRO B 513 -14.67 26.23 -0.81
C PRO B 513 -13.38 25.61 -1.32
N ARG B 514 -13.18 24.33 -0.96
CA ARG B 514 -12.02 23.47 -1.25
C ARG B 514 -10.92 23.65 -0.22
N SER B 515 -11.16 24.39 0.86
CA SER B 515 -10.14 24.54 1.88
C SER B 515 -9.97 23.27 2.71
N MET B 516 -11.01 22.45 2.83
CA MET B 516 -10.94 21.20 3.59
C MET B 516 -10.43 20.11 2.65
N ILE B 517 -9.23 19.62 2.90
CA ILE B 517 -8.66 18.52 2.13
C ILE B 517 -8.43 17.39 3.12
N THR B 518 -9.36 16.44 3.15
CA THR B 518 -9.36 15.38 4.16
C THR B 518 -9.92 14.11 3.51
N SER B 519 -9.63 12.96 4.13
CA SER B 519 -10.08 11.67 3.63
C SER B 519 -11.31 11.29 4.42
N GLY B 520 -12.46 11.23 3.75
CA GLY B 520 -13.71 11.07 4.47
C GLY B 520 -14.35 9.70 4.37
N GLY B 521 -14.60 9.25 3.15
CA GLY B 521 -15.24 7.95 2.94
C GLY B 521 -14.38 6.77 3.38
N LEU B 522 -13.18 6.65 2.83
CA LEU B 522 -12.31 5.55 3.25
C LEU B 522 -11.67 5.84 4.61
N GLY B 523 -11.21 7.07 4.82
CA GLY B 523 -10.60 7.41 6.09
C GLY B 523 -9.17 6.92 6.19
N THR B 524 -8.35 7.27 5.22
CA THR B 524 -7.01 6.72 5.09
C THR B 524 -6.03 7.54 5.94
N MET B 525 -5.58 6.97 7.06
CA MET B 525 -4.42 7.52 7.74
C MET B 525 -3.24 7.60 6.77
N GLY B 526 -2.46 8.68 6.89
CA GLY B 526 -1.34 8.93 6.02
C GLY B 526 -1.67 9.80 4.83
N TYR B 527 -2.95 10.10 4.62
CA TYR B 527 -3.41 10.93 3.50
C TYR B 527 -2.86 12.34 3.58
N GLY B 528 -2.76 12.88 4.80
CA GLY B 528 -2.49 14.28 5.06
C GLY B 528 -1.32 14.92 4.38
N LEU B 529 -0.11 14.52 4.78
CA LEU B 529 1.12 15.08 4.20
C LEU B 529 1.18 14.95 2.68
N PRO B 530 0.96 13.80 2.06
CA PRO B 530 0.98 13.76 0.59
C PRO B 530 -0.08 14.63 -0.07
N ALA B 531 -1.32 14.63 0.46
CA ALA B 531 -2.35 15.48 -0.12
C ALA B 531 -1.98 16.96 0.02
N ALA B 532 -1.40 17.35 1.16
CA ALA B 532 -0.94 18.73 1.31
C ALA B 532 0.10 19.07 0.25
N ILE B 533 1.08 18.19 0.05
CA ILE B 533 2.08 18.42 -1.00
C ILE B 533 1.41 18.59 -2.35
N GLY B 534 0.36 17.82 -2.62
CA GLY B 534 -0.29 17.94 -3.91
C GLY B 534 -1.12 19.21 -4.03
N ALA B 535 -1.75 19.63 -2.93
CA ALA B 535 -2.48 20.89 -2.93
C ALA B 535 -1.55 22.09 -3.14
N LYS B 536 -0.36 22.04 -2.54
CA LYS B 536 0.59 23.14 -2.68
C LYS B 536 1.22 23.15 -4.06
N VAL B 537 1.35 22.00 -4.70
CA VAL B 537 1.71 22.04 -6.12
C VAL B 537 0.58 22.65 -6.93
N ALA B 538 -0.67 22.46 -6.50
CA ALA B 538 -1.81 23.00 -7.22
C ALA B 538 -2.00 24.49 -6.93
N GLN B 539 -1.73 24.91 -5.70
CA GLN B 539 -1.92 26.28 -5.25
C GLN B 539 -0.59 26.80 -4.71
N PRO B 540 0.39 27.07 -5.60
CA PRO B 540 1.73 27.42 -5.09
C PRO B 540 1.72 28.67 -4.21
N ASP B 541 0.91 29.65 -4.56
CA ASP B 541 0.92 30.91 -3.83
C ASP B 541 -0.05 30.92 -2.67
N ALA B 542 -0.64 29.78 -2.33
CA ALA B 542 -1.52 29.63 -1.18
C ALA B 542 -0.74 29.20 0.06
N LEU B 543 -1.43 29.25 1.20
CA LEU B 543 -0.94 28.68 2.46
C LEU B 543 -1.57 27.30 2.67
N VAL B 544 -0.75 26.25 2.69
CA VAL B 544 -1.22 24.88 2.79
C VAL B 544 -0.66 24.26 4.06
N ILE B 545 -1.55 23.92 4.99
CA ILE B 545 -1.16 23.35 6.28
C ILE B 545 -1.63 21.91 6.32
N ASP B 546 -0.75 21.00 6.73
CA ASP B 546 -1.13 19.62 7.00
C ASP B 546 -1.25 19.45 8.50
N VAL B 547 -2.48 19.35 8.98
CA VAL B 547 -2.73 19.15 10.41
C VAL B 547 -2.83 17.64 10.62
N ASP B 548 -1.88 17.08 11.36
CA ASP B 548 -1.68 15.63 11.32
C ASP B 548 -1.49 15.06 12.71
N GLY B 549 -2.15 13.96 13.00
CA GLY B 549 -1.80 13.20 14.19
C GLY B 549 -0.54 12.37 13.98
N ASP B 550 0.16 12.08 15.09
CA ASP B 550 1.48 11.45 14.97
C ASP B 550 1.40 10.07 14.32
N ALA B 551 0.34 9.30 14.60
CA ALA B 551 0.20 7.97 13.98
C ALA B 551 -0.10 8.08 12.48
N SER B 552 -1.11 8.88 12.11
CA SER B 552 -1.32 9.16 10.69
C SER B 552 -0.04 9.64 10.02
N PHE B 553 0.70 10.51 10.71
CA PHE B 553 1.90 11.10 10.12
C PHE B 553 3.02 10.07 9.99
N ASN B 554 3.13 9.17 10.97
CA ASN B 554 4.08 8.07 10.88
C ASN B 554 3.81 7.16 9.70
N MET B 555 2.59 7.15 9.15
CA MET B 555 2.32 6.27 8.02
C MET B 555 3.10 6.69 6.79
N THR B 556 3.11 7.99 6.46
CA THR B 556 3.68 8.43 5.20
C THR B 556 4.79 9.48 5.36
N LEU B 557 5.47 9.51 6.51
CA LEU B 557 6.42 10.59 6.72
C LEU B 557 7.63 10.54 5.80
N THR B 558 7.83 9.46 5.04
CA THR B 558 8.90 9.46 4.06
C THR B 558 8.71 10.57 3.03
N GLU B 559 7.47 11.05 2.84
CA GLU B 559 7.25 12.06 1.81
C GLU B 559 7.75 13.45 2.19
N LEU B 560 8.20 13.68 3.42
CA LEU B 560 8.91 14.93 3.68
C LEU B 560 10.04 15.12 2.66
N SER B 561 10.76 14.04 2.33
CA SER B 561 11.81 14.12 1.32
C SER B 561 11.30 14.60 -0.03
N THR B 562 10.05 14.28 -0.38
CA THR B 562 9.52 14.80 -1.64
C THR B 562 9.36 16.31 -1.57
N ALA B 563 8.90 16.83 -0.42
CA ALA B 563 8.72 18.27 -0.26
C ALA B 563 10.06 18.99 -0.23
N ALA B 564 11.09 18.39 0.38
CA ALA B 564 12.41 18.99 0.38
C ALA B 564 13.04 18.95 -1.01
N GLN B 565 13.03 17.78 -1.65
CA GLN B 565 13.66 17.66 -2.96
C GLN B 565 13.04 18.60 -3.98
N PHE B 566 11.74 18.86 -3.87
CA PHE B 566 11.07 19.71 -4.83
C PHE B 566 10.77 21.09 -4.29
N ASN B 567 11.15 21.38 -3.04
CA ASN B 567 10.94 22.71 -2.45
C ASN B 567 9.46 23.09 -2.52
N ILE B 568 8.63 22.24 -1.94
CA ILE B 568 7.19 22.44 -1.90
C ILE B 568 6.85 22.92 -0.49
N GLY B 569 6.40 24.17 -0.38
CA GLY B 569 6.35 24.80 0.93
C GLY B 569 5.20 24.46 1.86
N VAL B 570 4.74 23.20 1.90
CA VAL B 570 3.69 22.84 2.84
C VAL B 570 4.15 23.10 4.27
N LYS B 571 3.18 23.36 5.13
CA LYS B 571 3.42 23.51 6.56
C LYS B 571 2.78 22.33 7.26
N VAL B 572 3.53 21.69 8.14
CA VAL B 572 3.09 20.47 8.80
C VAL B 572 2.98 20.74 10.29
N VAL B 573 1.79 20.51 10.84
CA VAL B 573 1.59 20.52 12.27
C VAL B 573 1.38 19.07 12.70
N VAL B 574 2.34 18.53 13.43
CA VAL B 574 2.19 17.20 14.00
C VAL B 574 1.75 17.36 15.44
N LEU B 575 0.56 16.82 15.76
CA LEU B 575 0.13 16.70 17.14
C LEU B 575 0.70 15.41 17.72
N ASN B 576 1.47 15.53 18.77
CA ASN B 576 2.20 14.42 19.37
C ASN B 576 1.52 14.10 20.69
N ASN B 577 0.64 13.09 20.67
CA ASN B 577 0.07 12.55 21.89
C ASN B 577 0.46 11.11 22.17
N GLU B 578 1.27 10.49 21.29
CA GLU B 578 1.82 9.14 21.47
C GLU B 578 0.75 8.06 21.48
N GLU B 579 -0.43 8.34 20.95
CA GLU B 579 -1.53 7.39 20.97
C GLU B 579 -2.30 7.51 19.65
N GLN B 580 -2.98 6.42 19.31
CA GLN B 580 -4.04 6.43 18.30
C GLN B 580 -5.28 6.97 18.98
N GLY B 581 -5.41 8.30 18.99
CA GLY B 581 -6.39 8.96 19.86
C GLY B 581 -7.81 8.52 19.61
N MET B 582 -8.23 8.51 18.33
CA MET B 582 -9.59 8.10 18.00
C MET B 582 -9.89 6.70 18.51
N VAL B 583 -8.91 5.80 18.50
CA VAL B 583 -9.16 4.43 18.92
C VAL B 583 -9.13 4.32 20.44
N THR B 584 -8.28 5.09 21.13
CA THR B 584 -8.33 5.09 22.59
C THR B 584 -9.69 5.59 23.09
N GLN B 585 -10.24 6.62 22.46
CA GLN B 585 -11.58 7.08 22.82
C GLN B 585 -12.57 5.94 22.77
N TRP B 586 -12.69 5.29 21.59
CA TRP B 586 -13.55 4.12 21.43
C TRP B 586 -13.26 3.07 22.49
N GLN B 587 -11.97 2.88 22.82
CA GLN B 587 -11.65 1.84 23.79
C GLN B 587 -12.01 2.26 25.21
N ASN B 588 -11.92 3.55 25.51
CA ASN B 588 -12.44 4.04 26.78
C ASN B 588 -13.96 3.89 26.83
N LEU B 589 -14.63 4.30 25.76
CA LEU B 589 -16.09 4.26 25.70
C LEU B 589 -16.63 2.82 25.80
N PHE B 590 -16.20 1.94 24.90
CA PHE B 590 -16.81 0.62 24.79
C PHE B 590 -16.05 -0.49 25.51
N TYR B 591 -14.79 -0.29 25.91
CA TYR B 591 -14.05 -1.42 26.47
C TYR B 591 -13.33 -1.08 27.77
N GLU B 592 -13.77 -0.06 28.49
CA GLU B 592 -13.34 0.17 29.87
C GLU B 592 -11.83 0.39 29.98
N ASP B 593 -11.31 1.27 29.11
CA ASP B 593 -9.92 1.74 29.19
C ASP B 593 -8.90 0.61 28.95
N ARG B 594 -9.33 -0.53 28.40
CA ARG B 594 -8.39 -1.55 27.90
C ARG B 594 -7.81 -1.02 26.60
N TYR B 595 -6.59 -0.50 26.65
CA TYR B 595 -6.02 0.19 25.49
C TYR B 595 -5.16 -0.81 24.74
N SER B 596 -5.76 -1.52 23.79
CA SER B 596 -5.10 -2.64 23.14
C SER B 596 -4.34 -2.13 21.90
N HIS B 597 -3.00 -2.08 22.00
CA HIS B 597 -2.11 -1.78 20.87
C HIS B 597 -2.43 -0.46 20.18
N THR B 598 -2.72 0.57 20.98
CA THR B 598 -3.10 1.86 20.45
C THR B 598 -2.14 2.96 20.85
N HIS B 599 -0.92 2.60 21.28
CA HIS B 599 0.12 3.55 21.66
C HIS B 599 1.41 3.27 20.90
N GLN B 600 2.06 4.32 20.41
CA GLN B 600 3.31 4.13 19.69
C GLN B 600 4.39 5.04 20.26
N ARG B 601 5.62 4.52 20.30
CA ARG B 601 6.82 5.33 20.45
C ARG B 601 7.03 6.12 19.17
N ASN B 602 7.02 7.45 19.28
CA ASN B 602 7.29 8.31 18.14
C ASN B 602 8.79 8.44 17.88
N PRO B 603 9.18 8.70 16.65
CA PRO B 603 10.55 9.16 16.41
C PRO B 603 10.69 10.61 16.84
N ASP B 604 11.92 11.00 17.18
CA ASP B 604 12.25 12.39 17.44
C ASP B 604 11.91 13.21 16.20
N PHE B 605 10.78 13.92 16.21
CA PHE B 605 10.35 14.64 15.01
C PHE B 605 11.29 15.79 14.66
N MET B 606 12.04 16.31 15.63
CA MET B 606 12.96 17.40 15.31
C MET B 606 14.18 16.88 14.56
N LYS B 607 14.83 15.83 15.07
CA LYS B 607 15.90 15.19 14.30
C LYS B 607 15.39 14.66 12.96
N LEU B 608 14.14 14.21 12.90
CA LEU B 608 13.60 13.70 11.64
C LEU B 608 13.48 14.81 10.62
N ALA B 609 12.85 15.91 11.01
CA ALA B 609 12.73 17.03 10.10
C ALA B 609 14.10 17.50 9.65
N ASP B 610 15.09 17.48 10.57
CA ASP B 610 16.47 17.80 10.21
C ASP B 610 17.03 16.80 9.19
N ALA B 611 16.86 15.50 9.44
CA ALA B 611 17.32 14.48 8.48
C ALA B 611 16.78 14.72 7.08
N MET B 612 15.57 15.26 6.97
CA MET B 612 14.87 15.41 5.71
C MET B 612 15.17 16.72 5.02
N GLY B 613 15.88 17.63 5.67
CA GLY B 613 16.09 18.95 5.11
C GLY B 613 14.86 19.84 5.22
N ILE B 614 14.20 19.82 6.37
CA ILE B 614 12.98 20.56 6.66
C ILE B 614 13.22 21.35 7.94
N GLN B 615 13.01 22.66 7.89
CA GLN B 615 13.10 23.50 9.08
C GLN B 615 12.00 23.11 10.07
N HIS B 616 12.25 23.34 11.35
CA HIS B 616 11.43 22.67 12.34
C HIS B 616 11.49 23.38 13.69
N GLN B 617 10.39 23.28 14.43
CA GLN B 617 10.37 23.64 15.85
C GLN B 617 9.41 22.73 16.58
N ARG B 618 9.58 22.65 17.90
CA ARG B 618 8.75 21.87 18.81
C ARG B 618 8.24 22.78 19.92
N VAL B 619 6.94 22.77 20.16
CA VAL B 619 6.33 23.56 21.23
C VAL B 619 5.54 22.65 22.15
N ALA B 620 5.73 22.82 23.45
CA ALA B 620 4.99 22.08 24.46
C ALA B 620 4.35 22.95 25.52
N GLU B 621 4.70 24.26 25.63
CA GLU B 621 4.12 25.11 26.66
C GLU B 621 3.00 25.95 26.08
N PRO B 622 1.82 25.90 26.70
CA PRO B 622 0.65 26.58 26.11
C PRO B 622 0.80 28.08 25.87
N ASP B 623 1.72 28.76 26.60
CA ASP B 623 1.99 30.18 26.34
C ASP B 623 2.61 30.38 24.96
N LYS B 624 3.63 29.60 24.64
CA LYS B 624 4.40 29.73 23.41
C LYS B 624 3.69 29.15 22.19
N LEU B 625 2.51 28.55 22.38
CA LEU B 625 1.80 27.92 21.26
C LEU B 625 1.57 28.90 20.12
N VAL B 626 1.16 30.13 20.43
CA VAL B 626 0.73 31.03 19.35
C VAL B 626 1.93 31.56 18.57
N ASP B 627 3.04 31.83 19.26
CA ASP B 627 4.25 32.27 18.57
C ASP B 627 4.76 31.17 17.65
N ALA B 628 4.77 29.92 18.14
CA ALA B 628 5.19 28.78 17.34
C ALA B 628 4.35 28.67 16.07
N LEU B 629 3.03 28.74 16.20
CA LEU B 629 2.19 28.66 15.01
C LEU B 629 2.45 29.83 14.08
N LYS B 630 2.64 31.03 14.65
CA LYS B 630 2.98 32.18 13.83
C LYS B 630 4.29 31.95 13.07
N TRP B 631 5.30 31.39 13.75
CA TRP B 631 6.55 31.00 13.09
C TRP B 631 6.29 30.06 11.90
N LEU B 632 5.45 29.04 12.10
CA LEU B 632 5.21 28.08 11.02
C LEU B 632 4.59 28.76 9.81
N ILE B 633 3.60 29.63 10.02
CA ILE B 633 2.92 30.24 8.87
C ILE B 633 3.86 31.11 8.06
N ASN B 634 4.70 31.88 8.75
CA ASN B 634 5.49 32.91 8.09
C ASN B 634 6.82 32.40 7.58
N THR B 635 7.14 31.16 7.92
CA THR B 635 8.29 30.44 7.37
C THR B 635 8.22 30.37 5.84
N ASP B 636 9.39 30.36 5.20
CA ASP B 636 9.49 30.24 3.74
C ASP B 636 10.05 28.86 3.37
N GLY B 637 9.53 28.28 2.30
CA GLY B 637 9.73 26.86 2.01
C GLY B 637 9.05 25.94 3.03
N PRO B 638 9.21 24.62 2.86
CA PRO B 638 8.50 23.68 3.74
C PRO B 638 8.97 23.74 5.17
N ALA B 639 8.05 23.48 6.10
CA ALA B 639 8.42 23.46 7.51
C ALA B 639 7.46 22.60 8.32
N LEU B 640 7.95 22.24 9.51
CA LEU B 640 7.24 21.34 10.41
C LEU B 640 7.26 21.90 11.83
N LEU B 641 6.08 21.95 12.43
CA LEU B 641 5.92 22.28 13.84
C LEU B 641 5.37 21.06 14.57
N GLU B 642 6.07 20.65 15.63
CA GLU B 642 5.61 19.58 16.52
C GLU B 642 4.95 20.19 17.75
N VAL B 643 3.68 19.88 17.96
CA VAL B 643 2.91 20.38 19.11
C VAL B 643 2.68 19.21 20.07
N VAL B 644 3.36 19.22 21.21
CA VAL B 644 3.10 18.21 22.22
C VAL B 644 1.80 18.55 22.95
N THR B 645 0.83 17.63 22.91
CA THR B 645 -0.52 17.89 23.42
C THR B 645 -0.82 16.97 24.59
N ASP B 646 -2.01 17.21 25.16
CA ASP B 646 -2.54 16.38 26.23
C ASP B 646 -3.04 15.05 25.67
N LYS B 647 -2.93 14.02 26.50
CA LYS B 647 -3.30 12.66 26.15
C LYS B 647 -4.71 12.35 26.65
N LYS B 648 -5.36 11.38 25.98
CA LYS B 648 -6.67 10.85 26.38
C LYS B 648 -7.75 11.95 26.39
N VAL B 649 -7.78 12.76 25.35
CA VAL B 649 -8.69 13.91 25.28
C VAL B 649 -9.85 13.54 24.35
N PRO B 650 -11.07 13.42 24.85
CA PRO B 650 -12.16 12.96 23.99
C PRO B 650 -12.63 14.04 23.01
N VAL B 651 -13.07 13.59 21.84
CA VAL B 651 -13.74 14.45 20.87
C VAL B 651 -15.23 14.44 21.21
N LEU B 652 -15.73 15.59 21.64
CA LEU B 652 -17.14 15.80 21.94
C LEU B 652 -17.60 17.04 21.18
N PRO B 653 -18.86 17.09 20.76
CA PRO B 653 -19.88 16.05 20.89
C PRO B 653 -19.63 14.84 19.97
N MET B 654 -20.10 13.68 20.42
CA MET B 654 -20.06 12.45 19.67
C MET B 654 -21.40 11.75 19.79
N VAL B 655 -21.98 11.34 18.67
CA VAL B 655 -23.12 10.43 18.67
C VAL B 655 -22.56 9.04 18.38
N PRO B 656 -22.46 8.16 19.39
CA PRO B 656 -21.78 6.87 19.20
C PRO B 656 -22.55 5.86 18.36
N ALA B 657 -21.93 4.70 18.14
CA ALA B 657 -22.56 3.66 17.33
C ALA B 657 -23.90 3.25 17.93
N GLY B 658 -24.92 3.15 17.10
CA GLY B 658 -26.22 2.76 17.56
C GLY B 658 -27.08 3.88 18.11
N SER B 659 -26.61 5.13 18.11
CA SER B 659 -27.34 6.27 18.63
C SER B 659 -28.06 7.04 17.52
N ALA B 660 -29.10 7.78 17.92
CA ALA B 660 -30.09 8.27 16.97
C ALA B 660 -29.53 9.39 16.10
N LEU B 661 -29.00 10.44 16.75
CA LEU B 661 -28.36 11.62 16.18
C LEU B 661 -28.55 12.74 17.19
N HIS B 662 -29.71 12.76 17.84
CA HIS B 662 -29.94 13.64 18.97
C HIS B 662 -29.45 13.02 20.26
N GLU B 663 -29.02 11.75 20.23
CA GLU B 663 -28.54 11.09 21.44
C GLU B 663 -27.05 11.31 21.66
N PHE B 664 -26.54 12.49 21.33
CA PHE B 664 -25.13 12.76 21.42
C PHE B 664 -24.67 12.93 22.86
N LEU B 665 -23.40 12.62 23.10
CA LEU B 665 -22.76 12.99 24.34
C LEU B 665 -22.13 14.37 24.18
N VAL B 666 -22.02 15.09 25.31
CA VAL B 666 -21.37 16.39 25.34
C VAL B 666 -20.53 16.50 26.61
N PHE B 667 -19.63 17.48 26.60
CA PHE B 667 -18.66 17.66 27.68
C PHE B 667 -19.32 18.29 28.91
N ASP B 668 -19.07 17.69 30.08
CA ASP B 668 -19.39 18.27 31.38
C ASP B 668 -18.16 18.08 32.27
N PRO B 669 -17.72 19.14 32.97
CA PRO B 669 -16.47 19.01 33.75
C PRO B 669 -16.52 17.99 34.86
N GLU B 670 -17.70 17.59 35.34
CA GLU B 670 -17.76 16.51 36.33
C GLU B 670 -17.55 15.15 35.68
N LYS B 671 -17.98 14.99 34.43
CA LYS B 671 -17.70 13.76 33.70
C LYS B 671 -16.21 13.61 33.39
N ASP B 672 -15.54 14.72 33.04
CA ASP B 672 -14.13 14.66 32.65
C ASP B 672 -13.24 14.36 33.87
N LYS B 673 -13.52 14.98 35.01
CA LYS B 673 -12.82 14.64 36.25
C LYS B 673 -12.97 13.16 36.57
N GLN B 674 -14.21 12.66 36.47
CA GLN B 674 -14.50 11.29 36.87
C GLN B 674 -13.90 10.28 35.90
N ARG B 675 -13.96 10.57 34.60
CA ARG B 675 -13.46 9.61 33.62
C ARG B 675 -11.96 9.39 33.77
N ARG B 676 -11.20 10.46 33.95
CA ARG B 676 -9.74 10.33 34.00
C ARG B 676 -9.27 9.60 35.25
N GLU B 677 -10.02 9.69 36.36
CA GLU B 677 -9.61 9.03 37.59
C GLU B 677 -10.04 7.55 37.61
N LEU B 678 -11.16 7.22 36.95
CA LEU B 678 -11.47 5.81 36.72
C LEU B 678 -10.41 5.17 35.85
N MET B 679 -9.97 5.87 34.80
CA MET B 679 -8.90 5.40 33.92
C MET B 679 -7.56 5.31 34.66
N LYS B 680 -7.26 6.30 35.51
CA LYS B 680 -6.01 6.26 36.27
C LYS B 680 -5.92 5.01 37.13
N GLU B 681 -7.05 4.54 37.66
CA GLU B 681 -7.09 3.34 38.50
C GLU B 681 -7.07 2.06 37.65
N ARG B 682 -7.94 2.00 36.64
CA ARG B 682 -7.97 0.84 35.76
C ARG B 682 -6.59 0.54 35.16
N THR B 683 -5.95 1.56 34.58
CA THR B 683 -4.61 1.40 33.99
C THR B 683 -3.51 1.35 35.05
N LYS B 684 -3.86 1.44 36.33
CA LYS B 684 -2.92 1.32 37.45
C LYS B 684 -1.85 2.41 37.39
N GLY B 685 -2.28 3.64 37.12
CA GLY B 685 -1.42 4.79 37.09
C GLY B 685 -0.83 5.11 35.73
N VAL B 686 -0.93 4.19 34.76
CA VAL B 686 -0.29 4.40 33.46
C VAL B 686 -1.02 5.45 32.63
N HIS B 687 -2.31 5.66 32.87
CA HIS B 687 -3.08 6.68 32.14
C HIS B 687 -4.09 7.35 33.07
#